data_2AES
#
_entry.id   2AES
#
_cell.length_a   107.159
_cell.length_b   192.989
_cell.length_c   143.428
_cell.angle_alpha   90.00
_cell.angle_beta   90.00
_cell.angle_gamma   90.00
#
_symmetry.space_group_name_H-M   'C 2 2 21'
#
loop_
_entity.id
_entity.type
_entity.pdbx_description
1 polymer 'Beta-1,4-galactosyltransferase 1'
2 branched 2-acetamido-2-deoxy-beta-D-glucopyranose-(1-2)-alpha-D-mannopyranose-(1-3)-beta-D-mannopyranose
3 non-polymer 'MANGANESE (II) ION'
4 non-polymer 'SULFATE ION'
5 non-polymer "6-AMINOHEXYL-URIDINE-C1,5'-DIPHOSPHATE"
6 non-polymer GLYCEROL
7 non-polymer '1,4-DIETHYLENE DIOXIDE'
8 non-polymer '2-(N-MORPHOLINO)-ETHANESULFONIC ACID'
9 water water
#
_entity_poly.entity_id   1
_entity_poly.type   'polypeptide(L)'
_entity_poly.pdbx_seq_one_letter_code
;ASMTGGQQMGRGSASLPACPEESPLLVGPMLIEFNMPVDLELVAKQNPNVKMGGRYAPRDCVSPHKVAIIIPFRNRQEHL
KYWLYYLHPVLQRQQLDYGIYVINQAGDTIFNRAKLLNVGFQEALKDYDYTCFVFSDVDLIPMNDHNAYRCFSQPRHISV
AMDKFGFSLPYVQYFGGVSALSKQQFLTINGFPNNYWGWGGEDDDIFNRLVFRGMSISRPNAVVGTTRHIRHSRDKKNEP
NPQRFDRIAHTKETMLSDGLNSLTYQVLDVQRYPLYTQITVDIGTPS
;
_entity_poly.pdbx_strand_id   A,B,C
#
# COMPACT_ATOMS: atom_id res chain seq x y z
N LEU A 16 -53.04 -7.67 27.02
CA LEU A 16 -52.18 -8.38 28.02
C LEU A 16 -51.28 -7.40 28.74
N PRO A 17 -51.12 -7.58 30.05
CA PRO A 17 -50.24 -6.66 30.78
C PRO A 17 -48.80 -7.00 30.45
N ALA A 18 -47.87 -6.15 30.88
CA ALA A 18 -46.47 -6.40 30.66
C ALA A 18 -46.05 -7.48 31.65
N CYS A 19 -45.11 -8.32 31.24
CA CYS A 19 -44.63 -9.35 32.14
C CYS A 19 -43.93 -8.62 33.28
N PRO A 20 -43.75 -9.29 34.42
CA PRO A 20 -43.06 -8.57 35.49
C PRO A 20 -41.61 -8.34 35.07
N GLU A 21 -41.01 -7.27 35.60
CA GLU A 21 -39.63 -6.89 35.29
C GLU A 21 -38.66 -8.07 35.44
N GLU A 22 -38.83 -8.85 36.50
CA GLU A 22 -38.00 -10.02 36.71
C GLU A 22 -38.96 -11.20 36.73
N SER A 23 -38.61 -12.27 36.02
CA SER A 23 -39.50 -13.42 35.99
C SER A 23 -39.65 -14.07 37.35
N PRO A 24 -40.89 -14.41 37.72
CA PRO A 24 -41.14 -15.06 39.02
C PRO A 24 -41.06 -16.58 38.86
N LEU A 25 -40.77 -17.04 37.65
CA LEU A 25 -40.71 -18.46 37.34
C LEU A 25 -39.34 -19.14 37.54
N LEU A 26 -38.28 -18.35 37.72
CA LEU A 26 -36.94 -18.89 37.85
C LEU A 26 -36.69 -19.79 39.07
N VAL A 27 -35.89 -20.84 38.90
CA VAL A 27 -35.57 -21.72 40.02
C VAL A 27 -34.12 -21.66 40.44
N GLY A 28 -33.35 -20.79 39.78
CA GLY A 28 -31.93 -20.67 40.12
C GLY A 28 -31.02 -21.76 39.56
N PRO A 29 -30.14 -22.34 40.42
CA PRO A 29 -29.17 -23.39 40.07
C PRO A 29 -29.82 -24.62 39.49
N MET A 30 -29.22 -25.18 38.46
CA MET A 30 -29.75 -26.37 37.79
C MET A 30 -28.64 -27.39 37.64
N LEU A 31 -29.04 -28.65 37.48
CA LEU A 31 -28.06 -29.71 37.29
C LEU A 31 -27.95 -29.92 35.79
N ILE A 32 -26.74 -29.80 35.26
CA ILE A 32 -26.50 -29.95 33.84
C ILE A 32 -25.67 -31.20 33.53
N GLU A 33 -26.19 -32.06 32.67
CA GLU A 33 -25.47 -33.29 32.30
C GLU A 33 -25.44 -33.50 30.78
N PHE A 34 -24.32 -34.00 30.29
CA PHE A 34 -24.18 -34.26 28.86
C PHE A 34 -23.86 -35.75 28.61
N ASN A 35 -24.26 -36.60 29.55
CA ASN A 35 -23.99 -38.04 29.44
C ASN A 35 -25.18 -38.91 29.07
N MET A 36 -26.13 -38.37 28.31
CA MET A 36 -27.28 -39.16 27.91
C MET A 36 -27.75 -38.75 26.53
N PRO A 37 -28.39 -39.66 25.79
CA PRO A 37 -28.85 -39.29 24.45
C PRO A 37 -30.03 -38.33 24.53
N VAL A 38 -30.19 -37.51 23.50
CA VAL A 38 -31.27 -36.54 23.45
C VAL A 38 -32.09 -36.80 22.20
N ASP A 39 -33.41 -36.79 22.37
CA ASP A 39 -34.33 -37.00 21.26
C ASP A 39 -35.11 -35.71 21.10
N LEU A 40 -34.83 -34.98 20.02
CA LEU A 40 -35.50 -33.70 19.78
C LEU A 40 -37.01 -33.80 19.64
N GLU A 41 -37.50 -34.91 19.10
CA GLU A 41 -38.95 -35.07 18.97
C GLU A 41 -39.52 -35.05 20.38
N LEU A 42 -38.81 -35.71 21.30
CA LEU A 42 -39.21 -35.78 22.69
C LEU A 42 -39.09 -34.39 23.33
N VAL A 43 -38.00 -33.69 23.03
CA VAL A 43 -37.80 -32.36 23.58
C VAL A 43 -38.94 -31.47 23.09
N ALA A 44 -39.33 -31.63 21.83
CA ALA A 44 -40.40 -30.81 21.29
C ALA A 44 -41.67 -31.10 22.10
N LYS A 45 -41.87 -32.36 22.44
CA LYS A 45 -43.03 -32.77 23.24
C LYS A 45 -43.02 -32.15 24.63
N GLN A 46 -41.85 -32.09 25.23
CA GLN A 46 -41.72 -31.52 26.57
C GLN A 46 -41.80 -30.00 26.56
N ASN A 47 -41.75 -29.41 25.35
CA ASN A 47 -41.81 -27.96 25.18
C ASN A 47 -42.90 -27.60 24.18
N PRO A 48 -44.15 -27.98 24.48
CA PRO A 48 -45.32 -27.75 23.63
C PRO A 48 -45.62 -26.32 23.22
N ASN A 49 -45.23 -25.35 24.03
CA ASN A 49 -45.54 -23.97 23.67
C ASN A 49 -44.53 -23.33 22.71
N VAL A 50 -43.48 -24.06 22.38
CA VAL A 50 -42.50 -23.55 21.44
C VAL A 50 -43.03 -23.86 20.05
N LYS A 51 -43.24 -22.83 19.25
CA LYS A 51 -43.75 -23.00 17.90
C LYS A 51 -42.70 -23.26 16.82
N MET A 52 -43.18 -23.69 15.66
CA MET A 52 -42.34 -24.02 14.52
C MET A 52 -41.27 -22.95 14.33
N GLY A 53 -40.03 -23.39 14.12
CA GLY A 53 -38.94 -22.47 13.93
C GLY A 53 -38.27 -22.10 15.24
N GLY A 54 -38.78 -22.68 16.33
CA GLY A 54 -38.23 -22.41 17.67
C GLY A 54 -38.61 -21.04 18.20
N ARG A 55 -39.87 -20.68 18.04
CA ARG A 55 -40.35 -19.38 18.49
C ARG A 55 -41.28 -19.52 19.69
N TYR A 56 -41.13 -18.60 20.64
CA TYR A 56 -41.95 -18.62 21.84
C TYR A 56 -42.12 -17.22 22.41
N ALA A 57 -43.31 -16.97 22.96
CA ALA A 57 -43.62 -15.72 23.63
C ALA A 57 -44.61 -16.13 24.71
N PRO A 58 -44.53 -15.53 25.90
CA PRO A 58 -45.50 -15.95 26.93
C PRO A 58 -46.94 -15.64 26.52
N ARG A 59 -47.88 -16.49 26.91
CA ARG A 59 -49.26 -16.22 26.53
C ARG A 59 -50.02 -15.38 27.53
N ASP A 60 -49.45 -15.20 28.72
CA ASP A 60 -50.11 -14.44 29.75
C ASP A 60 -49.67 -13.01 29.93
N CYS A 61 -48.55 -12.63 29.32
CA CYS A 61 -48.08 -11.27 29.46
C CYS A 61 -47.15 -10.93 28.30
N VAL A 62 -46.95 -9.64 28.08
CA VAL A 62 -46.11 -9.13 27.00
C VAL A 62 -44.68 -8.91 27.48
N SER A 63 -43.72 -9.60 26.86
CA SER A 63 -42.33 -9.46 27.24
C SER A 63 -41.68 -8.29 26.51
N PRO A 64 -40.89 -7.49 27.22
CA PRO A 64 -40.24 -6.35 26.55
C PRO A 64 -38.97 -6.85 25.86
N HIS A 65 -38.63 -8.11 26.11
CA HIS A 65 -37.44 -8.71 25.53
C HIS A 65 -37.76 -9.53 24.28
N LYS A 66 -37.48 -8.94 23.12
CA LYS A 66 -37.69 -9.58 21.83
C LYS A 66 -36.30 -10.01 21.42
N VAL A 67 -36.01 -11.26 21.74
CA VAL A 67 -34.69 -11.83 21.56
C VAL A 67 -34.50 -12.86 20.46
N ALA A 68 -33.50 -12.61 19.63
CA ALA A 68 -33.14 -13.56 18.59
C ALA A 68 -31.84 -14.16 19.12
N ILE A 69 -31.83 -15.48 19.29
CA ILE A 69 -30.65 -16.18 19.78
C ILE A 69 -29.95 -16.76 18.57
N ILE A 70 -28.71 -16.30 18.35
CA ILE A 70 -27.91 -16.67 17.20
C ILE A 70 -26.77 -17.60 17.55
N ILE A 71 -26.75 -18.75 16.88
CA ILE A 71 -25.74 -19.75 17.12
C ILE A 71 -24.87 -20.02 15.87
N PRO A 72 -23.55 -19.77 15.97
CA PRO A 72 -22.65 -20.00 14.83
C PRO A 72 -22.54 -21.52 14.74
N PHE A 73 -22.65 -22.08 13.54
CA PHE A 73 -22.69 -23.54 13.45
C PHE A 73 -22.20 -24.25 12.19
N ARG A 74 -21.67 -25.46 12.42
CA ARG A 74 -21.25 -26.39 11.38
C ARG A 74 -20.81 -27.69 12.01
N ASN A 75 -21.50 -28.77 11.66
CA ASN A 75 -21.18 -30.11 12.15
C ASN A 75 -21.18 -30.22 13.69
N ARG A 76 -22.19 -29.64 14.33
CA ARG A 76 -22.29 -29.71 15.80
C ARG A 76 -23.69 -30.10 16.24
N GLN A 77 -24.32 -31.00 15.47
CA GLN A 77 -25.68 -31.44 15.76
C GLN A 77 -25.86 -32.01 17.16
N GLU A 78 -24.90 -32.80 17.61
CA GLU A 78 -24.98 -33.41 18.92
C GLU A 78 -24.99 -32.31 20.00
N HIS A 79 -24.05 -31.38 19.89
CA HIS A 79 -24.01 -30.30 20.86
C HIS A 79 -25.32 -29.52 20.80
N LEU A 80 -25.81 -29.27 19.60
CA LEU A 80 -27.04 -28.53 19.42
C LEU A 80 -28.22 -29.18 20.13
N LYS A 81 -28.26 -30.51 20.13
CA LYS A 81 -29.36 -31.20 20.79
C LYS A 81 -29.35 -30.90 22.28
N TYR A 82 -28.16 -30.95 22.89
CA TYR A 82 -28.06 -30.63 24.31
C TYR A 82 -28.43 -29.18 24.55
N TRP A 83 -28.01 -28.30 23.63
CA TRP A 83 -28.29 -26.87 23.79
C TRP A 83 -29.79 -26.63 23.81
N LEU A 84 -30.49 -27.22 22.84
CA LEU A 84 -31.93 -27.07 22.75
C LEU A 84 -32.64 -27.67 23.96
N TYR A 85 -32.17 -28.85 24.37
CA TYR A 85 -32.74 -29.54 25.52
C TYR A 85 -32.69 -28.68 26.77
N TYR A 86 -31.55 -28.02 27.00
CA TYR A 86 -31.42 -27.20 28.19
C TYR A 86 -31.92 -25.76 28.08
N LEU A 87 -31.62 -25.08 26.99
CA LEU A 87 -32.03 -23.69 26.87
C LEU A 87 -33.52 -23.40 26.69
N HIS A 88 -34.23 -24.22 25.92
CA HIS A 88 -35.65 -23.92 25.72
C HIS A 88 -36.43 -23.76 27.04
N PRO A 89 -36.30 -24.70 27.98
CA PRO A 89 -37.05 -24.51 29.24
C PRO A 89 -36.62 -23.24 29.97
N VAL A 90 -35.33 -22.94 29.90
CA VAL A 90 -34.81 -21.75 30.58
C VAL A 90 -35.31 -20.45 29.96
N LEU A 91 -35.32 -20.39 28.63
CA LEU A 91 -35.75 -19.18 27.94
C LEU A 91 -37.23 -18.90 28.19
N GLN A 92 -38.03 -19.96 28.29
CA GLN A 92 -39.45 -19.79 28.56
C GLN A 92 -39.66 -19.31 29.99
N ARG A 93 -38.88 -19.86 30.93
CA ARG A 93 -39.01 -19.41 32.32
C ARG A 93 -38.63 -17.95 32.46
N GLN A 94 -37.72 -17.48 31.59
CA GLN A 94 -37.29 -16.09 31.63
C GLN A 94 -38.34 -15.18 30.97
N GLN A 95 -39.42 -15.78 30.52
CA GLN A 95 -40.51 -15.03 29.90
C GLN A 95 -40.09 -14.15 28.72
N LEU A 96 -39.28 -14.72 27.84
CA LEU A 96 -38.80 -13.98 26.69
C LEU A 96 -39.65 -14.23 25.44
N ASP A 97 -39.70 -13.25 24.56
CA ASP A 97 -40.40 -13.37 23.27
C ASP A 97 -39.18 -13.66 22.41
N TYR A 98 -38.90 -14.94 22.17
CA TYR A 98 -37.67 -15.28 21.47
C TYR A 98 -37.75 -16.25 20.29
N GLY A 99 -36.64 -16.31 19.56
CA GLY A 99 -36.51 -17.20 18.42
C GLY A 99 -35.09 -17.74 18.35
N ILE A 100 -34.95 -19.01 17.99
CA ILE A 100 -33.64 -19.64 17.88
C ILE A 100 -33.20 -19.71 16.41
N TYR A 101 -31.98 -19.25 16.12
CA TYR A 101 -31.43 -19.28 14.77
C TYR A 101 -30.06 -19.96 14.76
N VAL A 102 -29.96 -21.05 14.01
CA VAL A 102 -28.70 -21.77 13.89
C VAL A 102 -28.17 -21.38 12.51
N ILE A 103 -27.04 -20.68 12.50
CA ILE A 103 -26.45 -20.22 11.25
C ILE A 103 -25.42 -21.24 10.83
N ASN A 104 -25.83 -22.11 9.90
CA ASN A 104 -25.01 -23.20 9.40
C ASN A 104 -24.12 -22.76 8.23
N GLN A 105 -22.81 -22.89 8.41
CA GLN A 105 -21.88 -22.51 7.36
C GLN A 105 -21.78 -23.57 6.28
N ALA A 106 -22.24 -23.23 5.07
CA ALA A 106 -22.20 -24.16 3.95
C ALA A 106 -20.75 -24.42 3.54
N GLY A 107 -20.52 -25.55 2.89
CA GLY A 107 -19.18 -25.89 2.42
C GLY A 107 -18.26 -26.43 3.48
N ASP A 108 -17.01 -26.68 3.11
CA ASP A 108 -16.04 -27.23 4.04
C ASP A 108 -14.75 -26.43 4.11
N THR A 109 -14.85 -25.12 3.88
CA THR A 109 -13.66 -24.27 3.95
C THR A 109 -13.58 -23.61 5.32
N ILE A 110 -12.50 -22.89 5.59
CA ILE A 110 -12.28 -22.28 6.88
C ILE A 110 -13.50 -21.57 7.51
N PHE A 111 -13.77 -21.95 8.76
CA PHE A 111 -14.90 -21.44 9.53
C PHE A 111 -14.78 -19.95 9.85
N ASN A 112 -15.91 -19.26 9.87
CA ASN A 112 -15.93 -17.84 10.21
C ASN A 112 -17.05 -17.56 11.21
N ARG A 113 -16.77 -17.80 12.48
CA ARG A 113 -17.73 -17.60 13.54
C ARG A 113 -18.42 -16.24 13.52
N ALA A 114 -17.63 -15.18 13.52
CA ALA A 114 -18.21 -13.83 13.57
C ALA A 114 -19.03 -13.44 12.36
N LYS A 115 -18.63 -13.87 11.16
CA LYS A 115 -19.40 -13.48 9.98
C LYS A 115 -20.77 -14.16 10.04
N LEU A 116 -20.80 -15.41 10.52
CA LEU A 116 -22.06 -16.15 10.65
C LEU A 116 -22.97 -15.40 11.61
N LEU A 117 -22.39 -14.89 12.70
CA LEU A 117 -23.17 -14.12 13.66
C LEU A 117 -23.79 -12.89 12.99
N ASN A 118 -23.04 -12.20 12.12
CA ASN A 118 -23.60 -11.03 11.43
C ASN A 118 -24.76 -11.46 10.54
N VAL A 119 -24.58 -12.61 9.88
CA VAL A 119 -25.65 -13.16 9.02
C VAL A 119 -26.90 -13.36 9.89
N GLY A 120 -26.71 -13.98 11.06
CA GLY A 120 -27.81 -14.23 11.97
C GLY A 120 -28.59 -12.98 12.31
N PHE A 121 -27.86 -11.92 12.63
CA PHE A 121 -28.49 -10.65 12.97
C PHE A 121 -29.33 -10.11 11.83
N GLN A 122 -28.74 -10.08 10.63
CA GLN A 122 -29.44 -9.54 9.47
C GLN A 122 -30.63 -10.41 9.04
N GLU A 123 -30.45 -11.72 9.08
CA GLU A 123 -31.54 -12.60 8.68
C GLU A 123 -32.67 -12.69 9.70
N ALA A 124 -32.36 -12.72 10.99
CA ALA A 124 -33.42 -12.80 12.00
C ALA A 124 -34.32 -11.57 11.95
N LEU A 125 -33.73 -10.41 11.67
CA LEU A 125 -34.50 -9.17 11.57
C LEU A 125 -35.56 -9.26 10.46
N LYS A 126 -35.34 -10.11 9.47
CA LYS A 126 -36.30 -10.26 8.39
C LYS A 126 -37.55 -11.03 8.86
N ASP A 127 -37.41 -11.77 9.96
CA ASP A 127 -38.52 -12.55 10.51
C ASP A 127 -39.42 -11.79 11.46
N TYR A 128 -38.79 -10.99 12.30
CA TYR A 128 -39.53 -10.33 13.34
C TYR A 128 -38.76 -9.09 13.81
N ASP A 129 -39.46 -8.19 14.47
CA ASP A 129 -38.84 -6.98 14.96
C ASP A 129 -38.05 -7.23 16.26
N TYR A 130 -37.04 -8.10 16.20
CA TYR A 130 -36.23 -8.37 17.38
C TYR A 130 -35.45 -7.11 17.74
N THR A 131 -35.27 -6.85 19.03
CA THR A 131 -34.52 -5.69 19.44
C THR A 131 -33.37 -6.08 20.34
N CYS A 132 -33.15 -7.38 20.47
CA CYS A 132 -32.08 -7.90 21.29
C CYS A 132 -31.50 -9.16 20.66
N PHE A 133 -30.18 -9.30 20.73
CA PHE A 133 -29.52 -10.43 20.14
C PHE A 133 -28.56 -11.12 21.09
N VAL A 134 -28.78 -12.41 21.30
CA VAL A 134 -27.93 -13.22 22.13
C VAL A 134 -27.09 -14.04 21.14
N PHE A 135 -25.76 -13.95 21.26
CA PHE A 135 -24.85 -14.69 20.40
C PHE A 135 -24.25 -15.75 21.31
N SER A 136 -24.49 -17.01 20.98
CA SER A 136 -24.04 -18.10 21.81
C SER A 136 -23.35 -19.25 21.09
N ASP A 137 -22.20 -19.67 21.60
CA ASP A 137 -21.54 -20.84 21.02
C ASP A 137 -22.53 -21.99 21.29
N VAL A 138 -22.49 -23.01 20.45
CA VAL A 138 -23.41 -24.13 20.54
C VAL A 138 -23.21 -25.09 21.71
N ASP A 139 -22.03 -25.03 22.31
CA ASP A 139 -21.66 -25.93 23.40
C ASP A 139 -21.62 -25.30 24.77
N LEU A 140 -22.33 -24.18 24.98
CA LEU A 140 -22.32 -23.53 26.29
C LEU A 140 -23.72 -23.52 26.89
N ILE A 141 -23.82 -24.08 28.09
CA ILE A 141 -25.10 -24.20 28.76
C ILE A 141 -25.05 -23.49 30.11
N PRO A 142 -26.02 -22.60 30.37
CA PRO A 142 -26.02 -21.89 31.64
C PRO A 142 -26.45 -22.83 32.76
N MET A 143 -25.86 -22.65 33.94
CA MET A 143 -26.18 -23.49 35.10
C MET A 143 -27.14 -22.84 36.07
N ASN A 144 -27.55 -21.60 35.79
CA ASN A 144 -28.45 -20.89 36.66
C ASN A 144 -29.36 -20.02 35.81
N ASP A 145 -30.67 -20.24 35.92
CA ASP A 145 -31.59 -19.47 35.09
C ASP A 145 -31.78 -18.04 35.48
N HIS A 146 -31.04 -17.59 36.51
CA HIS A 146 -31.10 -16.19 36.89
C HIS A 146 -30.15 -15.44 35.94
N ASN A 147 -29.38 -16.17 35.13
CA ASN A 147 -28.45 -15.57 34.18
C ASN A 147 -29.29 -15.22 32.92
N ALA A 148 -29.75 -13.98 32.87
CA ALA A 148 -30.63 -13.50 31.81
C ALA A 148 -30.10 -13.54 30.40
N TYR A 149 -30.85 -14.19 29.52
CA TYR A 149 -30.48 -14.28 28.10
C TYR A 149 -31.23 -13.19 27.33
N ARG A 150 -31.01 -11.96 27.74
CA ARG A 150 -31.60 -10.82 27.09
C ARG A 150 -30.67 -9.62 27.25
N CYS A 151 -31.08 -8.49 26.73
CA CYS A 151 -30.25 -7.30 26.73
C CYS A 151 -30.43 -6.33 27.89
N PHE A 152 -29.37 -5.56 28.12
CA PHE A 152 -29.32 -4.55 29.19
C PHE A 152 -28.91 -3.20 28.60
N SER A 153 -28.74 -2.20 29.45
CA SER A 153 -28.37 -0.87 28.94
C SER A 153 -26.95 -0.84 28.37
N GLN A 154 -26.15 -1.84 28.69
CA GLN A 154 -24.78 -1.98 28.18
C GLN A 154 -24.63 -3.39 27.63
N PRO A 155 -23.68 -3.63 26.71
CA PRO A 155 -23.47 -4.97 26.14
C PRO A 155 -23.33 -5.92 27.32
N ARG A 156 -23.93 -7.10 27.19
CA ARG A 156 -23.94 -8.07 28.27
C ARG A 156 -23.13 -9.32 27.99
N HIS A 157 -22.21 -9.64 28.89
CA HIS A 157 -21.39 -10.85 28.77
C HIS A 157 -22.12 -11.85 29.68
N ILE A 158 -22.55 -12.97 29.11
CA ILE A 158 -23.32 -13.97 29.83
C ILE A 158 -22.56 -15.18 30.38
N SER A 159 -21.71 -15.78 29.55
CA SER A 159 -20.93 -16.95 29.97
C SER A 159 -19.69 -16.49 30.72
N VAL A 160 -19.88 -15.91 31.90
CA VAL A 160 -18.78 -15.36 32.67
C VAL A 160 -17.96 -16.28 33.56
N ALA A 161 -18.53 -17.42 33.96
CA ALA A 161 -17.81 -18.35 34.83
C ALA A 161 -17.97 -19.75 34.27
N MET A 162 -17.18 -20.02 33.24
CA MET A 162 -17.21 -21.30 32.55
C MET A 162 -16.34 -22.32 33.25
N ASP A 163 -16.83 -23.56 33.33
CA ASP A 163 -16.04 -24.59 34.00
C ASP A 163 -14.65 -24.74 33.36
N LYS A 164 -14.59 -24.67 32.03
CA LYS A 164 -13.30 -24.83 31.37
C LYS A 164 -12.28 -23.75 31.73
N PHE A 165 -12.73 -22.67 32.33
CA PHE A 165 -11.82 -21.60 32.78
C PHE A 165 -11.80 -21.57 34.31
N GLY A 166 -12.16 -22.70 34.92
CA GLY A 166 -12.16 -22.77 36.37
C GLY A 166 -13.22 -21.90 37.02
N PHE A 167 -14.36 -21.77 36.37
CA PHE A 167 -15.46 -20.99 36.90
C PHE A 167 -15.15 -19.54 37.18
N SER A 168 -14.35 -18.92 36.32
CA SER A 168 -14.04 -17.51 36.45
C SER A 168 -13.67 -16.99 35.06
N LEU A 169 -13.50 -15.70 34.92
CA LEU A 169 -13.13 -15.13 33.63
C LEU A 169 -11.67 -15.44 33.35
N PRO A 170 -11.34 -15.80 32.09
CA PRO A 170 -9.93 -16.09 31.82
C PRO A 170 -9.12 -14.80 31.98
N TYR A 171 -9.73 -13.67 31.65
CA TYR A 171 -9.13 -12.33 31.81
C TYR A 171 -10.31 -11.36 31.88
N VAL A 172 -10.14 -10.24 32.55
CA VAL A 172 -11.27 -9.32 32.73
C VAL A 172 -11.89 -8.73 31.48
N GLN A 173 -11.16 -8.70 30.37
CA GLN A 173 -11.75 -8.17 29.14
C GLN A 173 -12.30 -9.28 28.22
N TYR A 174 -12.32 -10.51 28.73
CA TYR A 174 -12.84 -11.63 27.95
C TYR A 174 -14.35 -11.44 27.71
N PHE A 175 -14.74 -11.56 26.44
CA PHE A 175 -16.13 -11.35 26.04
C PHE A 175 -16.60 -12.49 25.14
N GLY A 176 -15.97 -13.65 25.24
CA GLY A 176 -16.38 -14.75 24.37
C GLY A 176 -17.42 -15.68 24.96
N GLY A 177 -17.88 -16.62 24.13
CA GLY A 177 -18.82 -17.61 24.60
C GLY A 177 -20.25 -17.25 24.32
N VAL A 178 -20.84 -16.49 25.24
CA VAL A 178 -22.23 -16.09 25.11
C VAL A 178 -22.37 -14.63 25.51
N SER A 179 -23.03 -13.85 24.66
CA SER A 179 -23.21 -12.45 24.99
C SER A 179 -24.53 -11.97 24.40
N ALA A 180 -24.94 -10.78 24.82
CA ALA A 180 -26.17 -10.19 24.35
C ALA A 180 -25.94 -8.72 24.06
N LEU A 181 -26.31 -8.30 22.86
CA LEU A 181 -26.23 -6.91 22.47
C LEU A 181 -27.61 -6.49 22.00
N SER A 182 -28.05 -5.28 22.37
CA SER A 182 -29.34 -4.80 21.90
C SER A 182 -29.12 -4.45 20.42
N LYS A 183 -30.20 -4.26 19.69
CA LYS A 183 -30.10 -3.90 18.29
C LYS A 183 -29.26 -2.62 18.13
N GLN A 184 -29.52 -1.61 18.95
CA GLN A 184 -28.76 -0.36 18.83
C GLN A 184 -27.27 -0.54 19.16
N GLN A 185 -26.96 -1.32 20.19
CA GLN A 185 -25.57 -1.56 20.53
C GLN A 185 -24.86 -2.21 19.33
N PHE A 186 -25.47 -3.26 18.79
CA PHE A 186 -24.90 -3.96 17.65
C PHE A 186 -24.68 -3.01 16.44
N LEU A 187 -25.69 -2.20 16.12
CA LEU A 187 -25.57 -1.27 15.01
C LEU A 187 -24.48 -0.23 15.28
N THR A 188 -24.43 0.24 16.52
CA THR A 188 -23.43 1.23 16.89
C THR A 188 -22.01 0.76 16.64
N ILE A 189 -21.72 -0.53 16.84
CA ILE A 189 -20.35 -0.98 16.56
C ILE A 189 -20.17 -1.54 15.14
N ASN A 190 -21.16 -1.31 14.26
CA ASN A 190 -21.11 -1.81 12.88
C ASN A 190 -21.01 -3.34 12.92
N GLY A 191 -21.69 -3.91 13.90
CA GLY A 191 -21.71 -5.35 14.05
C GLY A 191 -20.35 -5.93 14.33
N PHE A 192 -20.17 -7.19 13.94
CA PHE A 192 -18.92 -7.86 14.21
C PHE A 192 -17.99 -7.88 12.99
N PRO A 193 -16.71 -8.17 13.22
CA PRO A 193 -15.74 -8.22 12.11
C PRO A 193 -16.08 -9.40 11.19
N ASN A 194 -15.83 -9.24 9.90
CA ASN A 194 -16.09 -10.30 8.93
C ASN A 194 -14.83 -11.04 8.53
N ASN A 195 -13.68 -10.52 8.89
CA ASN A 195 -12.42 -11.14 8.47
C ASN A 195 -11.61 -11.97 9.47
N TYR A 196 -12.25 -12.47 10.52
CA TYR A 196 -11.52 -13.33 11.44
C TYR A 196 -11.81 -14.79 11.02
N TRP A 197 -11.02 -15.29 10.08
CA TRP A 197 -11.20 -16.64 9.59
C TRP A 197 -10.42 -17.57 10.48
N GLY A 198 -11.04 -18.68 10.89
CA GLY A 198 -10.35 -19.59 11.77
C GLY A 198 -10.57 -19.14 13.21
N TRP A 199 -10.06 -19.93 14.15
CA TRP A 199 -10.23 -19.69 15.58
C TRP A 199 -9.52 -18.49 16.21
N GLY A 200 -10.21 -17.87 17.16
CA GLY A 200 -9.63 -16.79 17.95
C GLY A 200 -9.59 -15.34 17.55
N GLY A 201 -9.61 -14.48 18.57
CA GLY A 201 -9.51 -13.04 18.37
C GLY A 201 -10.74 -12.22 18.06
N GLU A 202 -11.74 -12.82 17.41
CA GLU A 202 -12.91 -12.06 17.03
C GLU A 202 -13.71 -11.55 18.24
N ASP A 203 -13.69 -12.29 19.35
CA ASP A 203 -14.41 -11.85 20.55
C ASP A 203 -13.67 -10.66 21.17
N ASP A 204 -12.34 -10.66 21.08
CA ASP A 204 -11.55 -9.55 21.61
C ASP A 204 -11.80 -8.32 20.75
N ASP A 205 -11.95 -8.53 19.45
CA ASP A 205 -12.20 -7.44 18.53
C ASP A 205 -13.54 -6.81 18.86
N ILE A 206 -14.52 -7.67 19.17
CA ILE A 206 -15.86 -7.17 19.49
C ILE A 206 -15.78 -6.37 20.80
N PHE A 207 -15.00 -6.86 21.76
CA PHE A 207 -14.82 -6.14 23.03
C PHE A 207 -14.25 -4.75 22.69
N ASN A 208 -13.22 -4.72 21.85
CA ASN A 208 -12.62 -3.44 21.46
C ASN A 208 -13.65 -2.51 20.83
N ARG A 209 -14.50 -3.03 19.95
CA ARG A 209 -15.52 -2.23 19.29
C ARG A 209 -16.42 -1.55 20.30
N LEU A 210 -16.91 -2.33 21.27
CA LEU A 210 -17.79 -1.78 22.29
C LEU A 210 -17.08 -0.66 23.07
N VAL A 211 -15.85 -0.90 23.47
CA VAL A 211 -15.10 0.13 24.21
C VAL A 211 -14.90 1.38 23.36
N PHE A 212 -14.52 1.19 22.09
CA PHE A 212 -14.31 2.33 21.20
C PHE A 212 -15.58 3.08 20.90
N ARG A 213 -16.73 2.52 21.27
CA ARG A 213 -17.98 3.23 21.06
C ARG A 213 -18.59 3.69 22.40
N GLY A 214 -17.75 3.80 23.41
CA GLY A 214 -18.17 4.30 24.71
C GLY A 214 -18.98 3.40 25.63
N MET A 215 -18.97 2.10 25.37
CA MET A 215 -19.73 1.19 26.19
C MET A 215 -18.83 0.41 27.14
N SER A 216 -19.44 -0.26 28.12
CA SER A 216 -18.68 -1.08 29.05
C SER A 216 -19.45 -2.40 29.16
N ILE A 217 -18.80 -3.43 29.66
CA ILE A 217 -19.41 -4.73 29.73
C ILE A 217 -20.16 -4.95 31.02
N SER A 218 -21.42 -5.37 30.89
CA SER A 218 -22.27 -5.66 32.02
C SER A 218 -22.21 -7.18 32.23
N ARG A 219 -22.16 -7.62 33.48
CA ARG A 219 -22.09 -9.03 33.76
C ARG A 219 -22.82 -9.48 35.02
N PRO A 220 -23.35 -10.71 35.03
CA PRO A 220 -24.04 -11.17 36.24
C PRO A 220 -22.88 -11.59 37.14
N ASN A 221 -23.12 -11.85 38.43
CA ASN A 221 -22.02 -12.27 39.31
C ASN A 221 -21.58 -13.67 38.88
N ALA A 222 -20.43 -14.11 39.37
CA ALA A 222 -19.85 -15.40 39.01
C ALA A 222 -20.65 -16.65 39.37
N VAL A 223 -21.48 -16.57 40.40
CA VAL A 223 -22.23 -17.75 40.75
C VAL A 223 -23.37 -17.91 39.75
N VAL A 224 -24.13 -16.85 39.56
CA VAL A 224 -25.23 -16.84 38.61
C VAL A 224 -24.74 -17.10 37.19
N GLY A 225 -23.53 -16.63 36.89
CA GLY A 225 -22.99 -16.79 35.56
C GLY A 225 -22.28 -18.09 35.26
N THR A 226 -22.31 -19.03 36.20
CA THR A 226 -21.67 -20.32 36.01
C THR A 226 -22.23 -20.98 34.75
N THR A 227 -21.33 -21.45 33.91
CA THR A 227 -21.69 -22.05 32.64
C THR A 227 -20.89 -23.30 32.36
N ARG A 228 -21.52 -24.29 31.75
CA ARG A 228 -20.81 -25.51 31.41
C ARG A 228 -20.46 -25.56 29.92
N HIS A 229 -19.24 -25.98 29.61
CA HIS A 229 -18.80 -26.13 28.25
C HIS A 229 -18.76 -27.64 27.97
N ILE A 230 -19.39 -28.06 26.89
CA ILE A 230 -19.39 -29.47 26.54
C ILE A 230 -18.01 -29.79 26.01
N ARG A 231 -17.24 -30.58 26.75
CA ARG A 231 -15.88 -30.93 26.31
C ARG A 231 -15.95 -31.52 24.91
N HIS A 232 -15.12 -31.02 24.00
CA HIS A 232 -15.09 -31.51 22.62
C HIS A 232 -13.66 -31.37 22.11
N SER A 233 -13.36 -32.03 21.00
CA SER A 233 -12.02 -31.93 20.42
C SER A 233 -12.01 -30.85 19.35
N ARG A 234 -10.83 -30.57 18.81
CA ARG A 234 -10.70 -29.55 17.79
C ARG A 234 -11.41 -29.92 16.49
N ASP A 235 -12.26 -29.02 16.00
CA ASP A 235 -12.95 -29.26 14.75
C ASP A 235 -11.93 -28.95 13.67
N LYS A 236 -12.06 -29.59 12.50
CA LYS A 236 -11.14 -29.32 11.42
C LYS A 236 -11.68 -28.05 10.77
N LYS A 237 -10.84 -27.37 9.99
CA LYS A 237 -11.24 -26.15 9.28
C LYS A 237 -11.51 -24.90 10.13
N ASN A 238 -10.91 -24.84 11.32
CA ASN A 238 -11.09 -23.68 12.19
C ASN A 238 -9.84 -23.54 13.03
N GLU A 239 -8.70 -23.70 12.36
CA GLU A 239 -7.40 -23.62 13.01
C GLU A 239 -7.14 -22.19 13.49
N PRO A 240 -6.38 -22.06 14.57
CA PRO A 240 -6.05 -20.75 15.13
C PRO A 240 -5.57 -19.80 14.05
N ASN A 241 -6.20 -18.63 14.00
CA ASN A 241 -5.85 -17.60 13.01
C ASN A 241 -4.57 -16.91 13.46
N PRO A 242 -3.48 -17.06 12.68
CA PRO A 242 -2.20 -16.44 13.01
C PRO A 242 -2.22 -14.92 12.94
N GLN A 243 -3.16 -14.36 12.18
CA GLN A 243 -3.25 -12.91 12.05
C GLN A 243 -4.13 -12.25 13.12
N ARG A 244 -4.66 -13.05 14.03
CA ARG A 244 -5.53 -12.50 15.06
C ARG A 244 -4.96 -11.43 15.99
N PHE A 245 -3.74 -11.62 16.49
CA PHE A 245 -3.14 -10.65 17.39
C PHE A 245 -2.96 -9.31 16.68
N ASP A 246 -2.64 -9.40 15.40
CA ASP A 246 -2.45 -8.19 14.61
C ASP A 246 -3.79 -7.50 14.34
N ARG A 247 -4.81 -8.29 14.04
CA ARG A 247 -6.12 -7.72 13.76
C ARG A 247 -6.78 -7.01 14.94
N ILE A 248 -6.65 -7.57 16.15
CA ILE A 248 -7.28 -6.94 17.31
C ILE A 248 -6.60 -5.62 17.71
N ALA A 249 -5.37 -5.41 17.24
CA ALA A 249 -4.66 -4.18 17.56
C ALA A 249 -5.13 -3.01 16.68
N HIS A 250 -5.88 -3.29 15.62
CA HIS A 250 -6.34 -2.21 14.74
C HIS A 250 -7.85 -2.06 14.64
N THR A 251 -8.58 -2.67 15.56
CA THR A 251 -10.04 -2.61 15.57
C THR A 251 -10.62 -1.21 15.40
N LYS A 252 -10.09 -0.25 16.16
CA LYS A 252 -10.63 1.10 16.09
C LYS A 252 -10.72 1.59 14.65
N GLU A 253 -9.71 1.30 13.86
CA GLU A 253 -9.74 1.73 12.48
C GLU A 253 -10.55 0.79 11.58
N THR A 254 -10.31 -0.51 11.70
CA THR A 254 -11.00 -1.47 10.84
C THR A 254 -12.51 -1.61 11.06
N MET A 255 -12.98 -1.34 12.28
CA MET A 255 -14.42 -1.46 12.55
C MET A 255 -15.22 -0.46 11.75
N LEU A 256 -14.56 0.61 11.31
CA LEU A 256 -15.23 1.64 10.52
C LEU A 256 -15.78 1.13 9.18
N SER A 257 -15.08 0.16 8.60
CA SER A 257 -15.49 -0.33 7.28
C SER A 257 -15.57 -1.84 7.16
N ASP A 258 -15.38 -2.55 8.27
CA ASP A 258 -15.49 -3.98 8.24
C ASP A 258 -16.51 -4.46 9.24
N GLY A 259 -17.64 -4.93 8.73
CA GLY A 259 -18.70 -5.42 9.60
C GLY A 259 -20.00 -5.43 8.83
N LEU A 260 -21.05 -4.93 9.45
CA LEU A 260 -22.36 -4.88 8.80
C LEU A 260 -22.31 -4.10 7.49
N ASN A 261 -21.58 -3.00 7.50
CA ASN A 261 -21.52 -2.19 6.29
C ASN A 261 -20.64 -2.72 5.18
N SER A 262 -20.10 -3.92 5.34
CA SER A 262 -19.26 -4.53 4.31
C SER A 262 -19.64 -6.00 4.15
N LEU A 263 -20.80 -6.37 4.66
CA LEU A 263 -21.24 -7.76 4.63
C LEU A 263 -22.05 -8.21 3.42
N THR A 264 -21.69 -9.37 2.86
CA THR A 264 -22.49 -9.98 1.78
C THR A 264 -22.41 -11.47 2.05
N TYR A 265 -23.42 -12.19 1.58
CA TYR A 265 -23.49 -13.63 1.75
C TYR A 265 -24.65 -14.19 0.92
N GLN A 266 -24.69 -15.49 0.75
CA GLN A 266 -25.79 -16.05 -0.01
C GLN A 266 -26.47 -17.15 0.82
N VAL A 267 -27.72 -16.94 1.16
CA VAL A 267 -28.46 -17.95 1.92
C VAL A 267 -28.82 -19.06 0.93
N LEU A 268 -28.41 -20.27 1.24
CA LEU A 268 -28.68 -21.41 0.37
C LEU A 268 -29.98 -22.11 0.79
N ASP A 269 -30.29 -22.07 2.08
CA ASP A 269 -31.50 -22.72 2.56
C ASP A 269 -31.94 -22.27 3.95
N VAL A 270 -33.26 -22.24 4.16
CA VAL A 270 -33.85 -21.87 5.44
C VAL A 270 -34.78 -23.03 5.85
N GLN A 271 -34.41 -23.73 6.91
CA GLN A 271 -35.22 -24.83 7.43
C GLN A 271 -35.88 -24.46 8.75
N ARG A 272 -37.19 -24.61 8.81
CA ARG A 272 -37.93 -24.30 10.01
C ARG A 272 -38.21 -25.58 10.78
N TYR A 273 -37.36 -25.92 11.74
CA TYR A 273 -37.58 -27.10 12.55
C TYR A 273 -38.46 -26.71 13.73
N PRO A 274 -39.03 -27.71 14.43
CA PRO A 274 -39.87 -27.36 15.58
C PRO A 274 -39.15 -26.54 16.66
N LEU A 275 -37.88 -26.85 16.92
CA LEU A 275 -37.13 -26.16 17.98
C LEU A 275 -36.12 -25.08 17.55
N TYR A 276 -35.99 -24.85 16.24
CA TYR A 276 -35.06 -23.84 15.74
C TYR A 276 -35.15 -23.68 14.24
N THR A 277 -34.72 -22.51 13.78
CA THR A 277 -34.68 -22.18 12.36
C THR A 277 -33.22 -22.33 11.97
N GLN A 278 -32.95 -23.07 10.90
CA GLN A 278 -31.57 -23.23 10.45
C GLN A 278 -31.36 -22.54 9.10
N ILE A 279 -30.46 -21.58 9.11
CA ILE A 279 -30.15 -20.85 7.91
C ILE A 279 -28.80 -21.36 7.43
N THR A 280 -28.82 -22.03 6.29
CA THR A 280 -27.58 -22.54 5.72
C THR A 280 -27.14 -21.44 4.78
N VAL A 281 -25.90 -21.00 4.94
CA VAL A 281 -25.44 -19.87 4.17
C VAL A 281 -24.01 -20.00 3.67
N ASP A 282 -23.76 -19.43 2.50
CA ASP A 282 -22.44 -19.43 1.88
C ASP A 282 -21.84 -18.07 2.26
N ILE A 283 -20.83 -18.07 3.12
CA ILE A 283 -20.20 -16.81 3.53
C ILE A 283 -18.84 -16.64 2.84
N GLY A 284 -18.59 -17.50 1.85
CA GLY A 284 -17.36 -17.43 1.09
C GLY A 284 -16.08 -17.82 1.77
N THR A 285 -14.99 -17.28 1.24
CA THR A 285 -13.65 -17.54 1.72
C THR A 285 -12.91 -16.20 1.80
N PRO A 286 -11.73 -16.17 2.45
CA PRO A 286 -10.98 -14.92 2.59
C PRO A 286 -10.76 -14.16 1.29
N SER A 287 -10.92 -12.85 1.36
CA SER A 287 -10.71 -12.01 0.20
C SER A 287 -9.61 -11.01 0.54
N LEU B 16 -15.26 36.60 -8.79
CA LEU B 16 -14.03 35.74 -8.80
C LEU B 16 -13.66 35.43 -10.24
N PRO B 17 -12.39 35.66 -10.62
CA PRO B 17 -11.97 35.38 -12.00
C PRO B 17 -11.76 33.91 -12.30
N ALA B 18 -11.68 33.58 -13.58
CA ALA B 18 -11.45 32.21 -14.00
C ALA B 18 -9.97 31.93 -13.75
N CYS B 19 -9.64 30.71 -13.37
CA CYS B 19 -8.24 30.36 -13.14
C CYS B 19 -7.53 30.41 -14.47
N PRO B 20 -6.20 30.61 -14.45
CA PRO B 20 -5.54 30.64 -15.76
C PRO B 20 -5.76 29.30 -16.44
N GLU B 21 -5.75 29.29 -17.77
CA GLU B 21 -5.97 28.06 -18.52
C GLU B 21 -5.12 26.91 -18.02
N GLU B 22 -3.85 27.19 -17.76
CA GLU B 22 -2.97 26.17 -17.21
C GLU B 22 -2.51 26.73 -15.87
N SER B 23 -2.40 25.86 -14.88
CA SER B 23 -1.99 26.31 -13.57
C SER B 23 -0.57 26.82 -13.51
N PRO B 24 -0.36 27.96 -12.84
CA PRO B 24 0.98 28.52 -12.72
C PRO B 24 1.69 27.94 -11.50
N LEU B 25 0.97 27.12 -10.74
CA LEU B 25 1.52 26.54 -9.51
C LEU B 25 2.30 25.24 -9.65
N LEU B 26 2.28 24.65 -10.84
CA LEU B 26 2.94 23.36 -11.06
C LEU B 26 4.44 23.34 -10.87
N VAL B 27 4.94 22.24 -10.29
CA VAL B 27 6.37 22.10 -10.08
C VAL B 27 7.02 21.09 -11.02
N GLY B 28 6.20 20.31 -11.74
CA GLY B 28 6.74 19.32 -12.65
C GLY B 28 7.12 18.01 -11.97
N PRO B 29 8.31 17.45 -12.28
CA PRO B 29 8.81 16.18 -11.72
C PRO B 29 8.84 16.22 -10.18
N MET B 30 8.37 15.17 -9.54
CA MET B 30 8.34 15.14 -8.07
C MET B 30 9.00 13.86 -7.58
N LEU B 31 9.35 13.83 -6.29
CA LEU B 31 9.99 12.66 -5.69
C LEU B 31 8.88 11.82 -5.09
N ILE B 32 8.72 10.60 -5.59
CA ILE B 32 7.67 9.71 -5.09
C ILE B 32 8.25 8.49 -4.37
N GLU B 33 7.90 8.32 -3.11
CA GLU B 33 8.38 7.18 -2.33
C GLU B 33 7.29 6.51 -1.50
N PHE B 34 7.43 5.20 -1.32
CA PHE B 34 6.45 4.41 -0.56
C PHE B 34 7.10 3.66 0.61
N ASN B 35 8.16 4.22 1.17
CA ASN B 35 8.85 3.52 2.25
C ASN B 35 8.62 4.10 3.64
N MET B 36 7.80 5.14 3.74
CA MET B 36 7.53 5.73 5.04
C MET B 36 6.08 5.53 5.45
N PRO B 37 5.81 5.59 6.76
CA PRO B 37 4.43 5.42 7.22
C PRO B 37 3.67 6.70 6.87
N VAL B 38 2.37 6.60 6.75
CA VAL B 38 1.55 7.76 6.40
C VAL B 38 0.44 7.87 7.39
N ASP B 39 0.26 9.06 7.93
CA ASP B 39 -0.76 9.31 8.92
C ASP B 39 -1.78 10.27 8.29
N LEU B 40 -2.94 9.76 7.93
CA LEU B 40 -3.97 10.58 7.30
C LEU B 40 -4.38 11.81 8.11
N GLU B 41 -4.18 11.77 9.42
CA GLU B 41 -4.51 12.94 10.25
C GLU B 41 -3.50 14.03 9.93
N LEU B 42 -2.25 13.63 9.75
CA LEU B 42 -1.19 14.56 9.41
C LEU B 42 -1.41 15.04 7.97
N VAL B 43 -1.88 14.15 7.11
CA VAL B 43 -2.10 14.54 5.72
C VAL B 43 -3.20 15.60 5.65
N ALA B 44 -4.25 15.44 6.46
CA ALA B 44 -5.32 16.41 6.46
C ALA B 44 -4.76 17.74 6.99
N LYS B 45 -3.92 17.69 8.03
CA LYS B 45 -3.37 18.95 8.54
C LYS B 45 -2.46 19.62 7.52
N GLN B 46 -1.87 18.84 6.62
CA GLN B 46 -0.98 19.42 5.62
C GLN B 46 -1.78 19.88 4.39
N ASN B 47 -3.06 19.55 4.36
CA ASN B 47 -3.95 19.92 3.26
C ASN B 47 -5.19 20.52 3.91
N PRO B 48 -5.00 21.62 4.66
CA PRO B 48 -6.08 22.30 5.36
C PRO B 48 -7.23 22.81 4.51
N ASN B 49 -6.98 23.09 3.24
CA ASN B 49 -8.05 23.61 2.40
C ASN B 49 -8.99 22.54 1.87
N VAL B 50 -8.60 21.27 2.03
CA VAL B 50 -9.46 20.17 1.57
C VAL B 50 -10.58 20.00 2.59
N LYS B 51 -11.81 20.07 2.12
CA LYS B 51 -12.99 19.97 2.97
C LYS B 51 -13.50 18.55 3.13
N MET B 52 -14.36 18.37 4.15
CA MET B 52 -14.92 17.06 4.48
C MET B 52 -15.36 16.31 3.23
N GLY B 53 -15.06 15.02 3.19
CA GLY B 53 -15.43 14.22 2.05
C GLY B 53 -14.41 14.31 0.94
N GLY B 54 -13.27 14.96 1.23
CA GLY B 54 -12.20 15.12 0.25
C GLY B 54 -12.54 16.05 -0.92
N ARG B 55 -13.18 17.17 -0.61
CA ARG B 55 -13.59 18.14 -1.62
C ARG B 55 -12.73 19.39 -1.59
N TYR B 56 -12.45 19.92 -2.78
CA TYR B 56 -11.65 21.13 -2.88
C TYR B 56 -11.90 21.94 -4.13
N ALA B 57 -11.77 23.25 -4.00
CA ALA B 57 -11.90 24.15 -5.14
C ALA B 57 -11.05 25.37 -4.80
N PRO B 58 -10.35 25.94 -5.80
CA PRO B 58 -9.53 27.11 -5.48
C PRO B 58 -10.31 28.31 -4.90
N ARG B 59 -9.67 28.97 -3.97
CA ARG B 59 -10.23 30.12 -3.28
C ARG B 59 -10.09 31.41 -4.08
N ASP B 60 -9.06 31.50 -4.93
CA ASP B 60 -8.82 32.73 -5.68
C ASP B 60 -9.30 32.79 -7.13
N CYS B 61 -9.78 31.69 -7.67
CA CYS B 61 -10.24 31.70 -9.06
C CYS B 61 -11.20 30.54 -9.30
N VAL B 62 -11.96 30.62 -10.38
CA VAL B 62 -12.93 29.60 -10.72
C VAL B 62 -12.40 28.60 -11.73
N SER B 63 -12.35 27.34 -11.31
CA SER B 63 -11.85 26.28 -12.17
C SER B 63 -12.90 25.74 -13.15
N PRO B 64 -12.51 25.53 -14.42
CA PRO B 64 -13.44 25.00 -15.43
C PRO B 64 -13.53 23.49 -15.28
N HIS B 65 -12.64 22.92 -14.46
CA HIS B 65 -12.63 21.48 -14.26
C HIS B 65 -13.33 21.02 -12.99
N LYS B 66 -14.50 20.40 -13.17
CA LYS B 66 -15.30 19.86 -12.05
C LYS B 66 -15.10 18.36 -12.16
N VAL B 67 -14.14 17.88 -11.37
CA VAL B 67 -13.71 16.51 -11.42
C VAL B 67 -14.02 15.57 -10.29
N ALA B 68 -14.62 14.42 -10.60
CA ALA B 68 -14.85 13.43 -9.57
C ALA B 68 -13.75 12.39 -9.83
N ILE B 69 -12.93 12.12 -8.82
CA ILE B 69 -11.91 11.11 -8.97
C ILE B 69 -12.43 9.84 -8.28
N ILE B 70 -12.57 8.79 -9.08
CA ILE B 70 -13.14 7.51 -8.65
C ILE B 70 -12.08 6.42 -8.52
N ILE B 71 -12.02 5.81 -7.33
CA ILE B 71 -11.06 4.75 -7.06
C ILE B 71 -11.77 3.44 -6.73
N PRO B 72 -11.54 2.38 -7.54
CA PRO B 72 -12.18 1.09 -7.26
C PRO B 72 -11.43 0.53 -6.06
N PHE B 73 -12.14 -0.07 -5.11
CA PHE B 73 -11.41 -0.46 -3.89
C PHE B 73 -11.98 -1.59 -3.01
N ARG B 74 -11.06 -2.35 -2.43
CA ARG B 74 -11.35 -3.35 -1.42
C ARG B 74 -10.04 -3.75 -0.78
N ASN B 75 -9.96 -3.62 0.54
CA ASN B 75 -8.78 -4.03 1.32
C ASN B 75 -7.46 -3.45 0.82
N ARG B 76 -7.43 -2.16 0.51
CA ARG B 76 -6.19 -1.51 0.05
C ARG B 76 -5.93 -0.22 0.84
N GLN B 77 -6.31 -0.20 2.12
CA GLN B 77 -6.14 1.02 2.90
C GLN B 77 -4.71 1.58 2.90
N GLU B 78 -3.70 0.72 3.02
CA GLU B 78 -2.32 1.22 3.03
C GLU B 78 -1.99 1.94 1.72
N HIS B 79 -2.44 1.38 0.60
CA HIS B 79 -2.18 2.02 -0.68
C HIS B 79 -2.89 3.35 -0.77
N LEU B 80 -4.14 3.38 -0.35
CA LEU B 80 -4.94 4.58 -0.38
C LEU B 80 -4.27 5.70 0.43
N LYS B 81 -3.60 5.36 1.52
CA LYS B 81 -2.95 6.41 2.32
C LYS B 81 -1.88 7.11 1.49
N TYR B 82 -1.09 6.33 0.74
CA TYR B 82 -0.06 6.92 -0.12
C TYR B 82 -0.72 7.71 -1.24
N TRP B 83 -1.82 7.18 -1.78
CA TRP B 83 -2.53 7.86 -2.86
C TRP B 83 -3.00 9.25 -2.40
N LEU B 84 -3.65 9.30 -1.25
CA LEU B 84 -4.15 10.56 -0.71
C LEU B 84 -2.98 11.52 -0.40
N TYR B 85 -1.93 10.99 0.22
CA TYR B 85 -0.74 11.78 0.56
C TYR B 85 -0.16 12.47 -0.66
N TYR B 86 -0.05 11.75 -1.77
CA TYR B 86 0.50 12.34 -2.98
C TYR B 86 -0.48 13.10 -3.88
N LEU B 87 -1.67 12.54 -4.09
CA LEU B 87 -2.58 13.22 -5.00
C LEU B 87 -3.21 14.51 -4.50
N HIS B 88 -3.55 14.61 -3.23
CA HIS B 88 -4.18 15.85 -2.81
C HIS B 88 -3.37 17.12 -3.13
N PRO B 89 -2.06 17.12 -2.84
CA PRO B 89 -1.28 18.34 -3.15
C PRO B 89 -1.28 18.62 -4.65
N VAL B 90 -1.20 17.56 -5.45
CA VAL B 90 -1.18 17.68 -6.91
C VAL B 90 -2.48 18.23 -7.47
N LEU B 91 -3.60 17.68 -7.04
CA LEU B 91 -4.89 18.12 -7.54
C LEU B 91 -5.12 19.59 -7.21
N GLN B 92 -4.71 20.01 -6.01
CA GLN B 92 -4.87 21.42 -5.63
C GLN B 92 -3.98 22.31 -6.49
N ARG B 93 -2.73 21.89 -6.71
CA ARG B 93 -1.84 22.67 -7.55
C ARG B 93 -2.37 22.79 -8.97
N GLN B 94 -3.15 21.80 -9.40
CA GLN B 94 -3.73 21.85 -10.75
C GLN B 94 -4.99 22.71 -10.79
N GLN B 95 -5.32 23.33 -9.66
CA GLN B 95 -6.46 24.22 -9.55
C GLN B 95 -7.79 23.62 -10.01
N LEU B 96 -8.02 22.39 -9.59
CA LEU B 96 -9.23 21.65 -9.93
C LEU B 96 -10.29 21.81 -8.86
N ASP B 97 -11.54 21.70 -9.27
CA ASP B 97 -12.69 21.75 -8.34
C ASP B 97 -12.95 20.25 -8.33
N TYR B 98 -12.49 19.56 -7.29
CA TYR B 98 -12.62 18.11 -7.30
C TYR B 98 -13.14 17.47 -6.02
N GLY B 99 -13.48 16.18 -6.17
CA GLY B 99 -13.95 15.36 -5.09
C GLY B 99 -13.36 13.96 -5.21
N ILE B 100 -12.99 13.35 -4.09
CA ILE B 100 -12.43 12.01 -4.09
C ILE B 100 -13.45 10.97 -3.63
N TYR B 101 -13.64 9.94 -4.45
CA TYR B 101 -14.58 8.87 -4.13
C TYR B 101 -13.95 7.48 -4.18
N VAL B 102 -13.98 6.79 -3.05
CA VAL B 102 -13.46 5.44 -2.96
C VAL B 102 -14.68 4.53 -2.99
N ILE B 103 -14.78 3.69 -4.01
CA ILE B 103 -15.90 2.77 -4.16
C ILE B 103 -15.41 1.43 -3.66
N ASN B 104 -15.79 1.14 -2.42
CA ASN B 104 -15.41 -0.05 -1.68
C ASN B 104 -16.40 -1.19 -1.95
N GLN B 105 -15.88 -2.30 -2.46
CA GLN B 105 -16.71 -3.46 -2.74
C GLN B 105 -16.97 -4.25 -1.47
N ALA B 106 -18.24 -4.33 -1.10
CA ALA B 106 -18.64 -5.08 0.07
C ALA B 106 -18.48 -6.59 -0.16
N GLY B 107 -18.36 -7.35 0.93
CA GLY B 107 -18.27 -8.79 0.80
C GLY B 107 -16.92 -9.39 0.45
N ASP B 108 -16.95 -10.70 0.27
CA ASP B 108 -15.75 -11.49 -0.02
C ASP B 108 -15.79 -12.28 -1.33
N THR B 109 -16.60 -11.86 -2.28
CA THR B 109 -16.63 -12.60 -3.53
C THR B 109 -15.80 -11.89 -4.60
N ILE B 110 -15.68 -12.50 -5.78
CA ILE B 110 -14.86 -11.96 -6.84
C ILE B 110 -15.01 -10.46 -7.10
N PHE B 111 -13.86 -9.80 -7.17
CA PHE B 111 -13.77 -8.36 -7.39
C PHE B 111 -14.25 -8.00 -8.80
N ASN B 112 -14.84 -6.82 -8.93
CA ASN B 112 -15.32 -6.35 -10.22
C ASN B 112 -14.98 -4.87 -10.34
N ARG B 113 -13.73 -4.60 -10.71
CA ARG B 113 -13.23 -3.24 -10.87
C ARG B 113 -14.12 -2.28 -11.68
N ALA B 114 -14.44 -2.64 -12.92
CA ALA B 114 -15.24 -1.76 -13.78
C ALA B 114 -16.63 -1.43 -13.23
N LYS B 115 -17.28 -2.40 -12.61
CA LYS B 115 -18.61 -2.14 -12.07
C LYS B 115 -18.49 -1.13 -10.93
N LEU B 116 -17.43 -1.21 -10.14
CA LEU B 116 -17.25 -0.25 -9.04
C LEU B 116 -17.07 1.14 -9.64
N LEU B 117 -16.40 1.23 -10.79
CA LEU B 117 -16.19 2.53 -11.41
C LEU B 117 -17.54 3.10 -11.86
N ASN B 118 -18.42 2.25 -12.41
CA ASN B 118 -19.74 2.72 -12.85
C ASN B 118 -20.50 3.28 -11.63
N VAL B 119 -20.44 2.57 -10.52
CA VAL B 119 -21.10 3.02 -9.30
C VAL B 119 -20.57 4.41 -8.94
N GLY B 120 -19.24 4.55 -8.96
CA GLY B 120 -18.64 5.84 -8.63
C GLY B 120 -19.17 6.98 -9.50
N PHE B 121 -19.32 6.72 -10.79
CA PHE B 121 -19.82 7.74 -11.71
C PHE B 121 -21.22 8.19 -11.27
N GLN B 122 -22.11 7.20 -11.13
CA GLN B 122 -23.48 7.47 -10.76
C GLN B 122 -23.63 8.09 -9.38
N GLU B 123 -22.88 7.60 -8.40
CA GLU B 123 -22.99 8.13 -7.05
C GLU B 123 -22.40 9.54 -6.89
N ALA B 124 -21.24 9.79 -7.48
CA ALA B 124 -20.60 11.10 -7.38
C ALA B 124 -21.53 12.20 -7.92
N LEU B 125 -22.26 11.88 -8.98
CA LEU B 125 -23.17 12.87 -9.56
C LEU B 125 -24.30 13.28 -8.61
N LYS B 126 -24.57 12.49 -7.58
CA LYS B 126 -25.62 12.84 -6.62
C LYS B 126 -25.12 13.94 -5.71
N ASP B 127 -23.79 14.05 -5.62
CA ASP B 127 -23.16 15.06 -4.78
C ASP B 127 -23.00 16.43 -5.38
N TYR B 128 -22.64 16.46 -6.66
CA TYR B 128 -22.31 17.71 -7.32
C TYR B 128 -22.39 17.51 -8.82
N ASP B 129 -22.48 18.61 -9.56
CA ASP B 129 -22.56 18.48 -11.02
C ASP B 129 -21.19 18.37 -11.69
N TYR B 130 -20.52 17.25 -11.40
CA TYR B 130 -19.21 16.97 -11.99
C TYR B 130 -19.38 16.78 -13.50
N THR B 131 -18.42 17.27 -14.28
CA THR B 131 -18.48 17.08 -15.73
C THR B 131 -17.28 16.29 -16.22
N CYS B 132 -16.43 15.90 -15.29
CA CYS B 132 -15.23 15.14 -15.65
C CYS B 132 -14.98 14.07 -14.62
N PHE B 133 -14.67 12.87 -15.10
CA PHE B 133 -14.42 11.75 -14.23
C PHE B 133 -13.07 11.10 -14.44
N VAL B 134 -12.27 11.08 -13.39
CA VAL B 134 -10.98 10.45 -13.44
C VAL B 134 -11.13 9.11 -12.73
N PHE B 135 -10.80 8.03 -13.43
CA PHE B 135 -10.87 6.71 -12.84
C PHE B 135 -9.43 6.28 -12.58
N SER B 136 -9.11 6.00 -11.32
CA SER B 136 -7.75 5.66 -10.95
C SER B 136 -7.60 4.47 -10.03
N ASP B 137 -6.72 3.55 -10.39
CA ASP B 137 -6.46 2.44 -9.49
C ASP B 137 -5.88 3.10 -8.23
N VAL B 138 -6.05 2.44 -7.09
CA VAL B 138 -5.59 3.00 -5.82
C VAL B 138 -4.06 3.01 -5.64
N ASP B 139 -3.35 2.26 -6.46
CA ASP B 139 -1.88 2.19 -6.29
C ASP B 139 -1.03 2.87 -7.37
N LEU B 140 -1.61 3.83 -8.08
CA LEU B 140 -0.84 4.52 -9.12
C LEU B 140 -0.69 5.98 -8.73
N ILE B 141 0.55 6.46 -8.73
CA ILE B 141 0.83 7.84 -8.35
C ILE B 141 1.58 8.52 -9.48
N PRO B 142 1.09 9.67 -9.96
CA PRO B 142 1.80 10.35 -11.06
C PRO B 142 3.09 11.00 -10.53
N MET B 143 4.13 11.02 -11.35
CA MET B 143 5.41 11.59 -10.91
C MET B 143 5.64 13.02 -11.39
N ASN B 144 4.74 13.55 -12.20
CA ASN B 144 4.90 14.90 -12.72
C ASN B 144 3.53 15.58 -12.71
N ASP B 145 3.39 16.68 -11.97
CA ASP B 145 2.09 17.36 -11.88
C ASP B 145 1.64 18.07 -13.13
N HIS B 146 2.45 18.01 -14.19
CA HIS B 146 2.04 18.55 -15.46
C HIS B 146 1.07 17.52 -16.10
N ASN B 147 0.98 16.33 -15.51
CA ASN B 147 0.09 15.29 -16.04
C ASN B 147 -1.30 15.63 -15.46
N ALA B 148 -2.11 16.29 -16.28
CA ALA B 148 -3.43 16.77 -15.85
C ALA B 148 -4.47 15.74 -15.47
N TYR B 149 -4.97 15.85 -14.24
CA TYR B 149 -6.00 14.93 -13.80
C TYR B 149 -7.37 15.54 -14.10
N ARG B 150 -7.62 15.82 -15.38
CA ARG B 150 -8.91 16.35 -15.79
C ARG B 150 -9.18 15.91 -17.22
N CYS B 151 -10.29 16.37 -17.78
CA CYS B 151 -10.71 15.94 -19.10
C CYS B 151 -10.30 16.76 -20.31
N PHE B 152 -10.27 16.09 -21.46
CA PHE B 152 -9.88 16.69 -22.73
C PHE B 152 -10.98 16.45 -23.79
N SER B 153 -10.82 17.05 -24.97
CA SER B 153 -11.84 16.90 -26.01
C SER B 153 -11.98 15.45 -26.44
N GLN B 154 -11.00 14.62 -26.10
CA GLN B 154 -11.04 13.19 -26.40
C GLN B 154 -10.74 12.44 -25.10
N PRO B 155 -11.21 11.19 -24.95
CA PRO B 155 -10.92 10.42 -23.73
C PRO B 155 -9.43 10.47 -23.47
N ARG B 156 -9.06 10.67 -22.21
CA ARG B 156 -7.67 10.83 -21.83
C ARG B 156 -7.04 9.66 -21.05
N HIS B 157 -5.91 9.14 -21.54
CA HIS B 157 -5.21 8.08 -20.83
C HIS B 157 -4.11 8.82 -20.06
N ILE B 158 -4.14 8.72 -18.73
CA ILE B 158 -3.20 9.45 -17.88
C ILE B 158 -1.94 8.71 -17.44
N SER B 159 -2.09 7.45 -17.00
CA SER B 159 -0.94 6.66 -16.54
C SER B 159 -0.27 6.02 -17.76
N VAL B 160 0.33 6.84 -18.60
CA VAL B 160 0.94 6.36 -19.82
C VAL B 160 2.32 5.73 -19.72
N ALA B 161 3.10 6.10 -18.71
CA ALA B 161 4.44 5.55 -18.57
C ALA B 161 4.66 5.05 -17.14
N MET B 162 4.07 3.90 -16.87
CA MET B 162 4.15 3.27 -15.57
C MET B 162 5.45 2.52 -15.40
N ASP B 163 6.05 2.65 -14.23
CA ASP B 163 7.30 1.96 -13.96
C ASP B 163 7.19 0.45 -14.16
N LYS B 164 6.07 -0.15 -13.77
CA LYS B 164 5.94 -1.60 -13.91
C LYS B 164 5.90 -2.07 -15.36
N PHE B 165 5.82 -1.14 -16.29
CA PHE B 165 5.82 -1.49 -17.71
C PHE B 165 7.06 -0.88 -18.38
N GLY B 166 8.09 -0.61 -17.59
CA GLY B 166 9.30 -0.05 -18.15
C GLY B 166 9.19 1.40 -18.60
N PHE B 167 8.29 2.14 -17.95
CA PHE B 167 8.06 3.55 -18.26
C PHE B 167 7.56 3.83 -19.67
N SER B 168 6.72 2.93 -20.17
CA SER B 168 6.11 3.10 -21.48
C SER B 168 4.81 2.30 -21.50
N LEU B 169 4.05 2.39 -22.59
CA LEU B 169 2.81 1.64 -22.70
C LEU B 169 3.11 0.17 -22.95
N PRO B 170 2.42 -0.75 -22.28
CA PRO B 170 2.69 -2.16 -22.52
C PRO B 170 2.26 -2.55 -23.94
N TYR B 171 1.29 -1.82 -24.48
CA TYR B 171 0.83 -2.01 -25.87
C TYR B 171 0.10 -0.73 -26.19
N VAL B 172 0.14 -0.28 -27.44
CA VAL B 172 -0.45 1.00 -27.81
C VAL B 172 -1.92 1.25 -27.52
N GLN B 173 -2.73 0.20 -27.42
CA GLN B 173 -4.15 0.39 -27.12
C GLN B 173 -4.45 0.23 -25.63
N TYR B 174 -3.38 0.12 -24.82
CA TYR B 174 -3.56 -0.01 -23.37
C TYR B 174 -4.24 1.25 -22.82
N PHE B 175 -5.31 1.05 -22.04
CA PHE B 175 -6.07 2.16 -21.48
C PHE B 175 -6.31 1.92 -19.99
N GLY B 176 -5.44 1.14 -19.36
CA GLY B 176 -5.65 0.86 -17.95
C GLY B 176 -4.94 1.80 -17.01
N GLY B 177 -5.16 1.59 -15.71
CA GLY B 177 -4.50 2.38 -14.69
C GLY B 177 -5.27 3.62 -14.30
N VAL B 178 -4.98 4.72 -15.00
CA VAL B 178 -5.62 6.00 -14.72
C VAL B 178 -6.08 6.65 -15.99
N SER B 179 -7.36 7.05 -16.02
CA SER B 179 -7.89 7.72 -17.19
C SER B 179 -8.94 8.75 -16.81
N ALA B 180 -9.26 9.63 -17.75
CA ALA B 180 -10.28 10.65 -17.53
C ALA B 180 -11.24 10.71 -18.70
N LEU B 181 -12.53 10.68 -18.41
CA LEU B 181 -13.56 10.76 -19.43
C LEU B 181 -14.51 11.87 -18.98
N SER B 182 -14.91 12.73 -19.91
CA SER B 182 -15.84 13.79 -19.57
C SER B 182 -17.18 13.07 -19.39
N LYS B 183 -18.14 13.76 -18.79
CA LYS B 183 -19.46 13.17 -18.58
C LYS B 183 -20.04 12.70 -19.92
N GLN B 184 -19.93 13.52 -20.95
CA GLN B 184 -20.49 13.13 -22.25
C GLN B 184 -19.78 11.91 -22.86
N GLN B 185 -18.46 11.83 -22.72
CA GLN B 185 -17.72 10.70 -23.26
C GLN B 185 -18.18 9.40 -22.61
N PHE B 186 -18.34 9.44 -21.29
CA PHE B 186 -18.77 8.27 -20.54
C PHE B 186 -20.18 7.89 -20.94
N LEU B 187 -21.06 8.87 -20.98
CA LEU B 187 -22.44 8.58 -21.37
C LEU B 187 -22.52 7.99 -22.79
N THR B 188 -21.73 8.54 -23.70
CA THR B 188 -21.74 8.06 -25.09
C THR B 188 -21.45 6.58 -25.25
N ILE B 189 -20.58 6.02 -24.41
CA ILE B 189 -20.26 4.59 -24.50
C ILE B 189 -21.10 3.73 -23.55
N ASN B 190 -22.15 4.31 -22.98
CA ASN B 190 -23.01 3.60 -22.03
C ASN B 190 -22.18 3.12 -20.85
N GLY B 191 -21.26 3.99 -20.42
CA GLY B 191 -20.42 3.68 -19.28
C GLY B 191 -19.55 2.46 -19.52
N PHE B 192 -19.13 1.80 -18.44
CA PHE B 192 -18.28 0.62 -18.54
C PHE B 192 -19.06 -0.69 -18.41
N PRO B 193 -18.45 -1.81 -18.83
CA PRO B 193 -19.09 -3.12 -18.75
C PRO B 193 -19.26 -3.54 -17.28
N ASN B 194 -20.32 -4.29 -17.00
CA ASN B 194 -20.61 -4.76 -15.65
C ASN B 194 -20.27 -6.24 -15.45
N ASN B 195 -19.98 -6.94 -16.54
CA ASN B 195 -19.69 -8.37 -16.44
C ASN B 195 -18.25 -8.85 -16.53
N TYR B 196 -17.30 -8.01 -16.18
CA TYR B 196 -15.91 -8.45 -16.16
C TYR B 196 -15.59 -8.73 -14.70
N TRP B 197 -15.60 -10.01 -14.31
CA TRP B 197 -15.32 -10.37 -12.92
C TRP B 197 -13.91 -10.92 -12.82
N GLY B 198 -13.18 -10.49 -11.80
CA GLY B 198 -11.81 -10.95 -11.67
C GLY B 198 -10.93 -10.03 -12.52
N TRP B 199 -9.63 -10.27 -12.48
CA TRP B 199 -8.66 -9.44 -13.17
C TRP B 199 -8.62 -9.51 -14.70
N GLY B 200 -8.46 -8.34 -15.31
CA GLY B 200 -8.27 -8.28 -16.75
C GLY B 200 -9.34 -8.05 -17.78
N GLY B 201 -8.90 -7.40 -18.86
CA GLY B 201 -9.75 -7.10 -20.01
C GLY B 201 -10.76 -5.98 -19.96
N GLU B 202 -11.24 -5.60 -18.78
CA GLU B 202 -12.27 -4.57 -18.73
C GLU B 202 -11.75 -3.23 -19.25
N ASP B 203 -10.45 -2.97 -19.09
CA ASP B 203 -9.89 -1.72 -19.58
C ASP B 203 -9.82 -1.78 -21.11
N ASP B 204 -9.56 -2.97 -21.65
CA ASP B 204 -9.51 -3.14 -23.11
C ASP B 204 -10.92 -2.97 -23.68
N ASP B 205 -11.91 -3.47 -22.95
CA ASP B 205 -13.30 -3.35 -23.37
C ASP B 205 -13.65 -1.86 -23.47
N ILE B 206 -13.24 -1.09 -22.46
CA ILE B 206 -13.51 0.36 -22.44
C ILE B 206 -12.82 1.04 -23.62
N PHE B 207 -11.56 0.68 -23.89
CA PHE B 207 -10.87 1.24 -25.04
C PHE B 207 -11.71 0.94 -26.29
N ASN B 208 -12.16 -0.31 -26.43
CA ASN B 208 -12.99 -0.71 -27.58
C ASN B 208 -14.26 0.13 -27.71
N ARG B 209 -14.96 0.37 -26.60
CA ARG B 209 -16.19 1.17 -26.63
C ARG B 209 -15.91 2.57 -27.13
N LEU B 210 -14.84 3.18 -26.65
CA LEU B 210 -14.50 4.54 -27.07
C LEU B 210 -14.24 4.60 -28.58
N VAL B 211 -13.51 3.62 -29.09
CA VAL B 211 -13.19 3.60 -30.52
C VAL B 211 -14.42 3.30 -31.36
N PHE B 212 -15.29 2.43 -30.87
CA PHE B 212 -16.51 2.08 -31.60
C PHE B 212 -17.43 3.30 -31.67
N ARG B 213 -17.22 4.25 -30.77
CA ARG B 213 -18.03 5.45 -30.78
C ARG B 213 -17.31 6.63 -31.42
N GLY B 214 -16.30 6.33 -32.24
CA GLY B 214 -15.56 7.35 -32.97
C GLY B 214 -14.55 8.23 -32.26
N MET B 215 -14.22 7.89 -31.02
CA MET B 215 -13.26 8.70 -30.29
C MET B 215 -11.85 8.16 -30.43
N SER B 216 -10.87 8.96 -30.02
CA SER B 216 -9.49 8.56 -30.09
C SER B 216 -8.91 8.78 -28.69
N ILE B 217 -7.79 8.14 -28.38
CA ILE B 217 -7.20 8.30 -27.05
C ILE B 217 -6.19 9.44 -27.03
N SER B 218 -6.38 10.36 -26.09
CA SER B 218 -5.46 11.49 -25.93
C SER B 218 -4.50 11.13 -24.80
N ARG B 219 -3.22 11.46 -24.97
CA ARG B 219 -2.21 11.14 -23.95
C ARG B 219 -1.11 12.19 -23.77
N PRO B 220 -0.61 12.37 -22.52
CA PRO B 220 0.47 13.34 -22.29
C PRO B 220 1.71 12.60 -22.82
N ASN B 221 2.88 13.25 -22.91
CA ASN B 221 4.06 12.52 -23.40
C ASN B 221 4.56 11.56 -22.32
N ALA B 222 5.45 10.65 -22.72
CA ALA B 222 5.99 9.65 -21.82
C ALA B 222 6.70 10.18 -20.58
N VAL B 223 7.30 11.35 -20.66
CA VAL B 223 7.98 11.89 -19.50
C VAL B 223 6.97 12.49 -18.52
N VAL B 224 6.07 13.32 -19.03
CA VAL B 224 5.05 13.92 -18.18
C VAL B 224 4.14 12.83 -17.61
N GLY B 225 3.91 11.77 -18.40
CA GLY B 225 3.04 10.68 -17.95
C GLY B 225 3.69 9.59 -17.10
N THR B 226 4.91 9.82 -16.65
CA THR B 226 5.59 8.84 -15.81
C THR B 226 4.77 8.59 -14.54
N THR B 227 4.50 7.32 -14.26
CA THR B 227 3.69 6.97 -13.12
C THR B 227 4.29 5.82 -12.30
N ARG B 228 4.18 5.92 -10.97
CA ARG B 228 4.69 4.88 -10.09
C ARG B 228 3.56 3.98 -9.59
N HIS B 229 3.83 2.68 -9.57
CA HIS B 229 2.87 1.69 -9.10
C HIS B 229 3.43 1.13 -7.78
N ILE B 230 2.61 1.10 -6.74
CA ILE B 230 3.07 0.57 -5.45
C ILE B 230 3.12 -0.93 -5.59
N ARG B 231 4.33 -1.50 -5.57
CA ARG B 231 4.48 -2.96 -5.72
C ARG B 231 3.64 -3.66 -4.67
N HIS B 232 2.92 -4.69 -5.11
CA HIS B 232 2.07 -5.45 -4.19
C HIS B 232 1.90 -6.88 -4.70
N SER B 233 1.62 -7.80 -3.79
CA SER B 233 1.40 -9.20 -4.18
C SER B 233 -0.04 -9.29 -4.67
N ARG B 234 -0.39 -10.38 -5.34
CA ARG B 234 -1.76 -10.54 -5.85
C ARG B 234 -2.79 -10.57 -4.75
N ASP B 235 -3.95 -9.95 -4.98
CA ASP B 235 -5.03 -9.96 -3.98
C ASP B 235 -5.77 -11.26 -4.16
N LYS B 236 -6.51 -11.66 -3.15
CA LYS B 236 -7.31 -12.86 -3.27
C LYS B 236 -8.57 -12.32 -3.92
N LYS B 237 -9.33 -13.21 -4.57
CA LYS B 237 -10.59 -12.84 -5.17
C LYS B 237 -10.59 -11.89 -6.35
N ASN B 238 -9.47 -11.81 -7.06
CA ASN B 238 -9.42 -11.01 -8.27
C ASN B 238 -8.58 -11.79 -9.29
N GLU B 239 -8.77 -13.11 -9.30
CA GLU B 239 -8.04 -14.00 -10.21
C GLU B 239 -8.28 -13.64 -11.68
N PRO B 240 -7.23 -13.71 -12.51
CA PRO B 240 -7.40 -13.40 -13.93
C PRO B 240 -8.65 -14.09 -14.47
N ASN B 241 -9.50 -13.30 -15.11
CA ASN B 241 -10.75 -13.79 -15.68
C ASN B 241 -10.51 -14.59 -16.96
N PRO B 242 -10.84 -15.90 -16.94
CA PRO B 242 -10.66 -16.78 -18.11
C PRO B 242 -11.47 -16.36 -19.32
N GLN B 243 -12.63 -15.73 -19.08
CA GLN B 243 -13.51 -15.30 -20.14
C GLN B 243 -13.17 -13.94 -20.75
N ARG B 244 -12.17 -13.25 -20.20
CA ARG B 244 -11.85 -11.92 -20.69
C ARG B 244 -11.53 -11.76 -22.16
N PHE B 245 -10.82 -12.73 -22.74
CA PHE B 245 -10.48 -12.63 -24.16
C PHE B 245 -11.74 -12.71 -24.99
N ASP B 246 -12.66 -13.56 -24.57
CA ASP B 246 -13.91 -13.70 -25.30
C ASP B 246 -14.76 -12.43 -25.16
N ARG B 247 -14.79 -11.88 -23.97
CA ARG B 247 -15.57 -10.67 -23.75
C ARG B 247 -15.07 -9.45 -24.50
N ILE B 248 -13.76 -9.23 -24.55
CA ILE B 248 -13.27 -8.04 -25.25
C ILE B 248 -13.43 -8.18 -26.76
N ALA B 249 -13.64 -9.41 -27.22
CA ALA B 249 -13.84 -9.65 -28.65
C ALA B 249 -15.27 -9.33 -29.06
N HIS B 250 -16.17 -9.16 -28.09
CA HIS B 250 -17.59 -8.85 -28.39
C HIS B 250 -18.09 -7.53 -27.83
N THR B 251 -17.17 -6.63 -27.50
CA THR B 251 -17.55 -5.34 -26.94
C THR B 251 -18.60 -4.61 -27.77
N LYS B 252 -18.40 -4.54 -29.09
CA LYS B 252 -19.35 -3.84 -29.95
C LYS B 252 -20.77 -4.36 -29.77
N GLU B 253 -20.91 -5.67 -29.66
CA GLU B 253 -22.22 -6.30 -29.51
C GLU B 253 -22.84 -6.09 -28.12
N THR B 254 -22.01 -6.16 -27.09
CA THR B 254 -22.51 -6.06 -25.73
C THR B 254 -22.61 -4.65 -25.11
N MET B 255 -21.81 -3.72 -25.59
CA MET B 255 -21.80 -2.37 -25.00
C MET B 255 -23.14 -1.63 -24.97
N LEU B 256 -23.96 -1.84 -25.98
CA LEU B 256 -25.23 -1.13 -26.01
C LEU B 256 -26.23 -1.58 -24.94
N SER B 257 -26.10 -2.84 -24.50
CA SER B 257 -27.02 -3.38 -23.49
C SER B 257 -26.36 -3.74 -22.17
N ASP B 258 -25.06 -3.51 -22.06
CA ASP B 258 -24.37 -3.84 -20.82
C ASP B 258 -23.54 -2.63 -20.37
N GLY B 259 -23.96 -2.00 -19.27
CA GLY B 259 -23.25 -0.85 -18.77
C GLY B 259 -24.10 0.03 -17.89
N LEU B 260 -23.97 1.34 -18.05
CA LEU B 260 -24.74 2.27 -17.24
C LEU B 260 -26.24 1.96 -17.28
N ASN B 261 -26.74 1.58 -18.45
CA ASN B 261 -28.17 1.29 -18.59
C ASN B 261 -28.62 -0.05 -17.99
N SER B 262 -27.69 -0.89 -17.55
CA SER B 262 -28.07 -2.18 -16.97
C SER B 262 -27.44 -2.32 -15.58
N LEU B 263 -26.92 -1.21 -15.08
CA LEU B 263 -26.25 -1.21 -13.78
C LEU B 263 -27.17 -1.32 -12.57
N THR B 264 -26.93 -2.32 -11.73
CA THR B 264 -27.71 -2.46 -10.50
C THR B 264 -26.73 -2.74 -9.37
N TYR B 265 -27.02 -2.19 -8.20
CA TYR B 265 -26.18 -2.38 -7.03
C TYR B 265 -26.91 -1.88 -5.80
N GLN B 266 -26.36 -2.18 -4.64
CA GLN B 266 -26.93 -1.72 -3.39
C GLN B 266 -25.86 -1.06 -2.55
N VAL B 267 -26.05 0.22 -2.28
CA VAL B 267 -25.14 0.98 -1.45
C VAL B 267 -25.40 0.60 0.02
N LEU B 268 -24.38 0.10 0.71
CA LEU B 268 -24.53 -0.29 2.11
C LEU B 268 -24.13 0.85 3.05
N ASP B 269 -23.30 1.78 2.59
CA ASP B 269 -22.87 2.87 3.46
C ASP B 269 -22.18 3.98 2.66
N VAL B 270 -22.28 5.20 3.16
CA VAL B 270 -21.63 6.34 2.56
C VAL B 270 -20.97 7.02 3.76
N GLN B 271 -19.64 7.06 3.74
CA GLN B 271 -18.89 7.67 4.83
C GLN B 271 -18.03 8.82 4.32
N ARG B 272 -18.19 9.99 4.95
CA ARG B 272 -17.42 11.17 4.58
C ARG B 272 -16.22 11.28 5.49
N TYR B 273 -15.03 11.15 4.92
CA TYR B 273 -13.82 11.30 5.71
C TYR B 273 -13.21 12.63 5.32
N PRO B 274 -12.27 13.15 6.13
CA PRO B 274 -11.68 14.43 5.75
C PRO B 274 -11.10 14.50 4.32
N LEU B 275 -10.44 13.43 3.89
CA LEU B 275 -9.77 13.40 2.59
C LEU B 275 -10.48 12.62 1.48
N TYR B 276 -11.63 12.02 1.78
CA TYR B 276 -12.34 11.28 0.75
C TYR B 276 -13.69 10.81 1.22
N THR B 277 -14.53 10.47 0.25
CA THR B 277 -15.85 9.93 0.52
C THR B 277 -15.75 8.46 0.15
N GLN B 278 -16.17 7.58 1.07
CA GLN B 278 -16.14 6.16 0.78
C GLN B 278 -17.56 5.63 0.68
N ILE B 279 -17.85 5.01 -0.47
CA ILE B 279 -19.17 4.43 -0.73
C ILE B 279 -18.97 2.94 -0.82
N THR B 280 -19.51 2.21 0.16
CA THR B 280 -19.39 0.76 0.18
C THR B 280 -20.63 0.22 -0.48
N VAL B 281 -20.42 -0.72 -1.39
CA VAL B 281 -21.53 -1.22 -2.16
C VAL B 281 -21.49 -2.70 -2.45
N ASP B 282 -22.68 -3.27 -2.52
CA ASP B 282 -22.85 -4.68 -2.84
C ASP B 282 -23.13 -4.65 -4.35
N ILE B 283 -22.18 -5.12 -5.15
CA ILE B 283 -22.37 -5.12 -6.59
C ILE B 283 -22.73 -6.48 -7.13
N GLY B 284 -22.99 -7.43 -6.24
CA GLY B 284 -23.40 -8.76 -6.66
C GLY B 284 -22.31 -9.75 -7.01
N THR B 285 -22.72 -10.84 -7.65
CA THR B 285 -21.79 -11.89 -8.03
C THR B 285 -22.07 -12.30 -9.47
N PRO B 286 -21.13 -13.03 -10.09
CA PRO B 286 -21.36 -13.44 -11.47
C PRO B 286 -22.48 -14.47 -11.55
N SER B 287 -23.17 -14.48 -12.69
CA SER B 287 -24.25 -15.43 -12.91
C SER B 287 -23.68 -16.76 -13.41
N LEU C 16 12.98 -7.91 -18.55
CA LEU C 16 12.80 -6.45 -18.37
C LEU C 16 13.21 -5.69 -19.61
N PRO C 17 12.44 -4.65 -19.98
CA PRO C 17 12.75 -3.84 -21.16
C PRO C 17 13.92 -2.91 -20.83
N ALA C 18 14.52 -2.34 -21.86
CA ALA C 18 15.62 -1.41 -21.65
C ALA C 18 15.03 -0.14 -21.06
N CYS C 19 15.78 0.52 -20.19
CA CYS C 19 15.31 1.77 -19.61
C CYS C 19 15.27 2.81 -20.73
N PRO C 20 14.47 3.87 -20.57
CA PRO C 20 14.40 4.90 -21.61
C PRO C 20 15.81 5.46 -21.82
N GLU C 21 16.10 5.94 -23.02
CA GLU C 21 17.42 6.51 -23.31
C GLU C 21 17.77 7.57 -22.28
N GLU C 22 16.82 8.46 -22.00
CA GLU C 22 17.06 9.47 -20.98
C GLU C 22 16.07 9.15 -19.87
N SER C 23 16.52 9.24 -18.62
CA SER C 23 15.64 8.94 -17.51
C SER C 23 14.50 9.93 -17.42
N PRO C 24 13.27 9.44 -17.20
CA PRO C 24 12.14 10.36 -17.10
C PRO C 24 11.92 10.81 -15.66
N LEU C 25 12.79 10.37 -14.75
CA LEU C 25 12.67 10.68 -13.33
C LEU C 25 13.45 11.89 -12.85
N LEU C 26 14.17 12.55 -13.75
CA LEU C 26 15.01 13.68 -13.38
C LEU C 26 14.20 14.90 -12.95
N VAL C 27 14.71 15.62 -11.95
CA VAL C 27 14.03 16.81 -11.47
C VAL C 27 14.79 18.07 -11.83
N GLY C 28 16.05 17.92 -12.28
CA GLY C 28 16.84 19.07 -12.64
C GLY C 28 17.60 19.71 -11.48
N PRO C 29 17.60 21.05 -11.37
CA PRO C 29 18.30 21.77 -10.30
C PRO C 29 17.84 21.38 -8.89
N MET C 30 18.78 21.24 -7.97
CA MET C 30 18.46 20.85 -6.61
C MET C 30 19.07 21.79 -5.57
N LEU C 31 18.54 21.73 -4.36
CA LEU C 31 19.06 22.55 -3.27
C LEU C 31 20.16 21.77 -2.58
N ILE C 32 21.37 22.31 -2.57
CA ILE C 32 22.51 21.65 -1.94
C ILE C 32 22.98 22.46 -0.74
N GLU C 33 22.97 21.84 0.44
CA GLU C 33 23.40 22.50 1.66
C GLU C 33 24.35 21.62 2.46
N PHE C 34 25.37 22.22 3.05
CA PHE C 34 26.35 21.50 3.85
C PHE C 34 26.40 22.06 5.27
N ASN C 35 25.24 22.44 5.82
CA ASN C 35 25.23 23.01 7.16
C ASN C 35 24.47 22.20 8.19
N MET C 36 23.98 21.03 7.78
CA MET C 36 23.23 20.16 8.69
C MET C 36 23.97 18.85 8.89
N PRO C 37 23.77 18.19 10.04
CA PRO C 37 24.45 16.91 10.28
C PRO C 37 23.81 15.78 9.46
N VAL C 38 24.61 14.80 9.08
CA VAL C 38 24.10 13.69 8.29
C VAL C 38 24.24 12.37 9.03
N ASP C 39 23.16 11.61 9.09
CA ASP C 39 23.18 10.31 9.75
C ASP C 39 23.03 9.23 8.68
N LEU C 40 24.12 8.52 8.38
CA LEU C 40 24.10 7.47 7.37
C LEU C 40 23.05 6.38 7.56
N GLU C 41 22.68 6.11 8.81
CA GLU C 41 21.66 5.07 9.04
C GLU C 41 20.34 5.56 8.49
N LEU C 42 20.13 6.87 8.60
CA LEU C 42 18.92 7.52 8.11
C LEU C 42 18.95 7.56 6.58
N VAL C 43 20.10 7.91 6.03
CA VAL C 43 20.26 7.98 4.58
C VAL C 43 19.96 6.61 3.98
N ALA C 44 20.40 5.55 4.66
CA ALA C 44 20.14 4.20 4.15
C ALA C 44 18.65 3.92 4.18
N LYS C 45 17.99 4.36 5.24
CA LYS C 45 16.55 4.15 5.34
C LYS C 45 15.81 4.98 4.28
N GLN C 46 16.39 6.12 3.90
CA GLN C 46 15.79 6.96 2.88
C GLN C 46 16.11 6.45 1.46
N ASN C 47 17.04 5.51 1.38
CA ASN C 47 17.45 4.92 0.09
C ASN C 47 17.40 3.40 0.24
N PRO C 48 16.21 2.86 0.53
CA PRO C 48 15.91 1.44 0.72
C PRO C 48 16.35 0.51 -0.41
N ASN C 49 16.37 1.01 -1.63
CA ASN C 49 16.74 0.17 -2.76
C ASN C 49 18.24 0.03 -2.97
N VAL C 50 19.04 0.83 -2.27
CA VAL C 50 20.49 0.70 -2.39
C VAL C 50 20.88 -0.50 -1.54
N LYS C 51 21.47 -1.50 -2.20
CA LYS C 51 21.88 -2.75 -1.56
C LYS C 51 23.26 -2.65 -0.91
N MET C 52 23.55 -3.58 0.00
CA MET C 52 24.83 -3.60 0.71
C MET C 52 26.01 -3.38 -0.22
N GLY C 53 26.94 -2.55 0.24
CA GLY C 53 28.11 -2.23 -0.55
C GLY C 53 27.83 -1.05 -1.47
N GLY C 54 26.66 -0.42 -1.30
CA GLY C 54 26.29 0.72 -2.13
C GLY C 54 26.05 0.37 -3.58
N ARG C 55 25.24 -0.66 -3.82
CA ARG C 55 24.92 -1.12 -5.18
C ARG C 55 23.46 -0.88 -5.49
N TYR C 56 23.19 -0.50 -6.73
CA TYR C 56 21.83 -0.25 -7.18
C TYR C 56 21.66 -0.47 -8.67
N ALA C 57 20.48 -0.96 -9.04
CA ALA C 57 20.12 -1.12 -10.43
C ALA C 57 18.59 -1.04 -10.42
N PRO C 58 17.98 -0.43 -11.45
CA PRO C 58 16.53 -0.34 -11.42
C PRO C 58 15.82 -1.70 -11.48
N ARG C 59 14.70 -1.80 -10.78
CA ARG C 59 13.87 -3.01 -10.74
C ARG C 59 13.07 -3.17 -12.01
N ASP C 60 12.65 -2.04 -12.61
CA ASP C 60 11.77 -2.07 -13.77
C ASP C 60 12.31 -2.08 -15.18
N CYS C 61 13.61 -1.82 -15.33
CA CYS C 61 14.17 -1.80 -16.67
C CYS C 61 15.66 -2.03 -16.58
N VAL C 62 16.26 -2.35 -17.72
CA VAL C 62 17.67 -2.61 -17.77
C VAL C 62 18.41 -1.36 -18.20
N SER C 63 19.37 -0.97 -17.39
CA SER C 63 20.16 0.22 -17.69
C SER C 63 21.35 -0.18 -18.55
N PRO C 64 21.65 0.63 -19.59
CA PRO C 64 22.80 0.34 -20.45
C PRO C 64 24.05 0.94 -19.80
N HIS C 65 23.87 1.59 -18.65
CA HIS C 65 24.99 2.19 -17.95
C HIS C 65 25.39 1.39 -16.71
N LYS C 66 26.52 0.68 -16.80
CA LYS C 66 27.02 -0.12 -15.68
C LYS C 66 28.18 0.71 -15.21
N VAL C 67 27.92 1.47 -14.14
CA VAL C 67 28.88 2.43 -13.63
C VAL C 67 29.43 2.20 -12.26
N ALA C 68 30.75 2.27 -12.17
CA ALA C 68 31.41 2.14 -10.90
C ALA C 68 31.86 3.57 -10.60
N ILE C 69 31.37 4.13 -9.50
CA ILE C 69 31.77 5.49 -9.12
C ILE C 69 32.90 5.33 -8.11
N ILE C 70 34.03 5.91 -8.46
CA ILE C 70 35.22 5.78 -7.66
C ILE C 70 35.71 7.08 -7.02
N ILE C 71 35.81 7.03 -5.69
CA ILE C 71 36.23 8.18 -4.89
C ILE C 71 37.58 7.94 -4.20
N PRO C 72 38.60 8.77 -4.51
CA PRO C 72 39.93 8.64 -3.89
C PRO C 72 39.68 9.17 -2.47
N PHE C 73 40.21 8.49 -1.46
CA PHE C 73 39.87 8.89 -0.11
C PHE C 73 40.90 8.63 1.01
N ARG C 74 40.78 9.44 2.06
CA ARG C 74 41.54 9.36 3.30
C ARG C 74 41.14 10.46 4.27
N ASN C 75 40.60 10.07 5.41
CA ASN C 75 40.19 11.01 6.44
C ASN C 75 39.25 12.13 5.95
N ARG C 76 38.24 11.75 5.17
CA ARG C 76 37.25 12.73 4.67
C ARG C 76 35.88 12.13 4.89
N GLN C 77 35.68 11.54 6.07
CA GLN C 77 34.39 10.89 6.36
C GLN C 77 33.21 11.86 6.39
N GLU C 78 33.42 13.06 6.91
CA GLU C 78 32.33 14.03 6.99
C GLU C 78 31.90 14.45 5.58
N HIS C 79 32.85 14.63 4.68
CA HIS C 79 32.50 14.99 3.31
C HIS C 79 31.75 13.84 2.65
N LEU C 80 32.24 12.62 2.88
CA LEU C 80 31.63 11.43 2.31
C LEU C 80 30.17 11.29 2.76
N LYS C 81 29.89 11.67 3.99
CA LYS C 81 28.51 11.57 4.47
C LYS C 81 27.62 12.45 3.60
N TYR C 82 28.09 13.65 3.27
CA TYR C 82 27.30 14.56 2.42
C TYR C 82 27.23 14.02 0.99
N TRP C 83 28.35 13.51 0.50
CA TRP C 83 28.40 12.97 -0.85
C TRP C 83 27.35 11.87 -1.00
N LEU C 84 27.33 10.92 -0.07
CA LEU C 84 26.40 9.82 -0.15
C LEU C 84 24.95 10.30 -0.03
N TYR C 85 24.75 11.27 0.84
CA TYR C 85 23.43 11.84 1.08
C TYR C 85 22.85 12.41 -0.23
N TYR C 86 23.69 13.13 -0.96
CA TYR C 86 23.28 13.75 -2.20
C TYR C 86 23.36 12.92 -3.48
N LEU C 87 24.43 12.17 -3.66
CA LEU C 87 24.54 11.40 -4.90
C LEU C 87 23.66 10.17 -5.01
N HIS C 88 23.38 9.49 -3.91
CA HIS C 88 22.57 8.29 -4.04
C HIS C 88 21.20 8.54 -4.69
N PRO C 89 20.45 9.55 -4.20
CA PRO C 89 19.13 9.82 -4.79
C PRO C 89 19.26 10.16 -6.27
N VAL C 90 20.31 10.90 -6.61
CA VAL C 90 20.58 11.33 -7.97
C VAL C 90 20.95 10.18 -8.91
N LEU C 91 21.84 9.29 -8.45
CA LEU C 91 22.26 8.17 -9.27
C LEU C 91 21.07 7.26 -9.54
N GLN C 92 20.21 7.09 -8.55
CA GLN C 92 19.03 6.26 -8.75
C GLN C 92 18.08 6.89 -9.76
N ARG C 93 17.89 8.21 -9.66
CA ARG C 93 17.00 8.89 -10.60
C ARG C 93 17.53 8.81 -12.03
N GLN C 94 18.85 8.73 -12.18
CA GLN C 94 19.47 8.62 -13.49
C GLN C 94 19.36 7.18 -14.03
N GLN C 95 18.72 6.31 -13.25
CA GLN C 95 18.49 4.91 -13.64
C GLN C 95 19.78 4.18 -14.05
N LEU C 96 20.78 4.27 -13.19
CA LEU C 96 22.06 3.63 -13.45
C LEU C 96 22.18 2.32 -12.67
N ASP C 97 22.97 1.41 -13.22
CA ASP C 97 23.27 0.12 -12.59
C ASP C 97 24.64 0.49 -12.04
N TYR C 98 24.69 0.92 -10.79
CA TYR C 98 25.95 1.42 -10.26
C TYR C 98 26.47 0.89 -8.92
N GLY C 99 27.72 1.22 -8.65
CA GLY C 99 28.36 0.81 -7.42
C GLY C 99 29.26 1.92 -6.91
N ILE C 100 29.24 2.14 -5.60
CA ILE C 100 30.08 3.17 -4.99
C ILE C 100 31.31 2.52 -4.35
N TYR C 101 32.49 3.00 -4.74
CA TYR C 101 33.76 2.50 -4.22
C TYR C 101 34.63 3.63 -3.66
N VAL C 102 34.86 3.60 -2.36
CA VAL C 102 35.68 4.58 -1.69
C VAL C 102 37.08 3.93 -1.54
N ILE C 103 38.05 4.48 -2.25
CA ILE C 103 39.40 3.93 -2.20
C ILE C 103 40.21 4.64 -1.12
N ASN C 104 40.23 4.02 0.06
CA ASN C 104 40.90 4.56 1.23
C ASN C 104 42.41 4.24 1.26
N GLN C 105 43.24 5.30 1.22
CA GLN C 105 44.68 5.09 1.26
C GLN C 105 45.15 4.67 2.64
N ALA C 106 45.65 3.45 2.76
CA ALA C 106 46.15 2.97 4.04
C ALA C 106 47.38 3.78 4.42
N GLY C 107 47.58 3.97 5.72
CA GLY C 107 48.75 4.68 6.18
C GLY C 107 48.67 6.19 6.30
N ASP C 108 49.82 6.78 6.60
CA ASP C 108 49.91 8.22 6.78
C ASP C 108 51.01 8.90 5.99
N THR C 109 51.44 8.27 4.91
CA THR C 109 52.45 8.89 4.06
C THR C 109 51.73 9.71 2.99
N ILE C 110 52.51 10.39 2.15
CA ILE C 110 51.95 11.26 1.11
C ILE C 110 50.87 10.62 0.22
N PHE C 111 49.75 11.34 0.10
CA PHE C 111 48.57 10.94 -0.68
C PHE C 111 48.85 10.81 -2.18
N ASN C 112 48.18 9.89 -2.84
CA ASN C 112 48.36 9.71 -4.28
C ASN C 112 47.00 9.51 -4.94
N ARG C 113 46.33 10.62 -5.20
CA ARG C 113 44.99 10.61 -5.79
C ARG C 113 44.79 9.71 -7.00
N ALA C 114 45.59 9.90 -8.04
CA ALA C 114 45.45 9.13 -9.26
C ALA C 114 45.70 7.63 -9.11
N LYS C 115 46.63 7.25 -8.23
CA LYS C 115 46.92 5.84 -8.06
C LYS C 115 45.71 5.18 -7.40
N LEU C 116 45.10 5.89 -6.47
CA LEU C 116 43.92 5.36 -5.80
C LEU C 116 42.81 5.16 -6.82
N LEU C 117 42.74 6.04 -7.82
CA LEU C 117 41.72 5.91 -8.85
C LEU C 117 41.99 4.66 -9.69
N ASN C 118 43.26 4.41 -9.99
CA ASN C 118 43.63 3.22 -10.77
C ASN C 118 43.21 1.97 -9.99
N VAL C 119 43.44 1.98 -8.67
CA VAL C 119 43.07 0.86 -7.83
C VAL C 119 41.55 0.64 -7.93
N GLY C 120 40.79 1.73 -7.86
CA GLY C 120 39.34 1.63 -7.94
C GLY C 120 38.88 0.94 -9.19
N PHE C 121 39.46 1.33 -10.33
CA PHE C 121 39.12 0.73 -11.62
C PHE C 121 39.31 -0.79 -11.57
N GLN C 122 40.52 -1.20 -11.18
CA GLN C 122 40.88 -2.61 -11.12
C GLN C 122 40.03 -3.44 -10.18
N GLU C 123 39.83 -2.93 -8.97
CA GLU C 123 39.07 -3.65 -7.97
C GLU C 123 37.57 -3.71 -8.26
N ALA C 124 36.99 -2.63 -8.77
CA ALA C 124 35.57 -2.62 -9.07
C ALA C 124 35.28 -3.67 -10.13
N LEU C 125 36.19 -3.83 -11.08
CA LEU C 125 35.99 -4.82 -12.13
C LEU C 125 35.96 -6.26 -11.60
N LYS C 126 36.47 -6.48 -10.40
CA LYS C 126 36.46 -7.81 -9.80
C LYS C 126 35.07 -8.11 -9.24
N ASP C 127 34.30 -7.04 -8.97
CA ASP C 127 32.95 -7.22 -8.44
C ASP C 127 31.92 -7.42 -9.52
N TYR C 128 32.03 -6.66 -10.60
CA TYR C 128 31.01 -6.68 -11.64
C TYR C 128 31.57 -6.23 -12.98
N ASP C 129 30.90 -6.61 -14.07
CA ASP C 129 31.36 -6.19 -15.39
C ASP C 129 30.99 -4.74 -15.72
N TYR C 130 31.51 -3.80 -14.94
CA TYR C 130 31.26 -2.39 -15.19
C TYR C 130 31.90 -1.98 -16.50
N THR C 131 31.25 -1.10 -17.24
CA THR C 131 31.77 -0.64 -18.51
C THR C 131 31.98 0.87 -18.50
N CYS C 132 31.71 1.50 -17.36
CA CYS C 132 31.85 2.94 -17.23
C CYS C 132 32.40 3.26 -15.86
N PHE C 133 33.28 4.24 -15.80
CA PHE C 133 33.86 4.61 -14.53
C PHE C 133 33.81 6.10 -14.29
N VAL C 134 33.19 6.48 -13.18
CA VAL C 134 33.13 7.88 -12.81
C VAL C 134 34.13 8.07 -11.67
N PHE C 135 35.06 9.00 -11.89
CA PHE C 135 36.08 9.32 -10.88
C PHE C 135 35.70 10.67 -10.28
N SER C 136 35.36 10.65 -8.98
CA SER C 136 34.90 11.85 -8.29
C SER C 136 35.55 12.16 -6.96
N ASP C 137 35.93 13.43 -6.78
CA ASP C 137 36.49 13.84 -5.50
C ASP C 137 35.33 13.68 -4.53
N VAL C 138 35.65 13.45 -3.27
CA VAL C 138 34.66 13.22 -2.23
C VAL C 138 33.88 14.46 -1.81
N ASP C 139 34.36 15.62 -2.21
CA ASP C 139 33.73 16.88 -1.82
C ASP C 139 33.07 17.68 -2.95
N LEU C 140 32.71 17.00 -4.04
CA LEU C 140 32.06 17.66 -5.17
C LEU C 140 30.65 17.11 -5.36
N ILE C 141 29.66 17.99 -5.22
CA ILE C 141 28.26 17.61 -5.34
C ILE C 141 27.60 18.29 -6.54
N PRO C 142 26.98 17.52 -7.45
CA PRO C 142 26.34 18.18 -8.59
C PRO C 142 25.01 18.81 -8.15
N MET C 143 24.68 19.97 -8.70
CA MET C 143 23.42 20.64 -8.34
C MET C 143 22.26 20.37 -9.28
N ASN C 144 22.55 19.72 -10.41
CA ASN C 144 21.52 19.41 -11.40
C ASN C 144 21.59 17.93 -11.84
N ASP C 145 20.55 17.16 -11.57
CA ASP C 145 20.59 15.75 -11.94
C ASP C 145 20.56 15.43 -13.43
N HIS C 146 20.59 16.47 -14.27
CA HIS C 146 20.64 16.30 -15.72
C HIS C 146 22.11 16.11 -16.11
N ASN C 147 23.00 16.33 -15.15
CA ASN C 147 24.45 16.17 -15.35
C ASN C 147 24.65 14.66 -15.18
N ALA C 148 24.69 13.94 -16.29
CA ALA C 148 24.78 12.49 -16.27
C ALA C 148 26.09 11.92 -15.70
N TYR C 149 25.95 11.06 -14.71
CA TYR C 149 27.12 10.41 -14.11
C TYR C 149 27.34 9.05 -14.79
N ARG C 150 27.60 9.09 -16.10
CA ARG C 150 27.86 7.87 -16.83
C ARG C 150 28.73 8.26 -18.03
N CYS C 151 29.08 7.28 -18.86
CA CYS C 151 29.96 7.54 -19.99
C CYS C 151 29.36 7.93 -21.33
N PHE C 152 30.17 8.57 -22.16
CA PHE C 152 29.79 9.05 -23.47
C PHE C 152 30.76 8.53 -24.55
N SER C 153 30.52 8.87 -25.81
CA SER C 153 31.38 8.40 -26.88
C SER C 153 32.80 8.95 -26.73
N GLN C 154 32.97 9.98 -25.91
CA GLN C 154 34.28 10.59 -25.63
C GLN C 154 34.40 10.74 -24.13
N PRO C 155 35.63 10.91 -23.60
CA PRO C 155 35.83 11.07 -22.17
C PRO C 155 34.93 12.22 -21.73
N ARG C 156 34.32 12.10 -20.56
CA ARG C 156 33.38 13.11 -20.08
C ARG C 156 33.82 13.90 -18.86
N HIS C 157 33.85 15.22 -18.99
CA HIS C 157 34.20 16.08 -17.85
C HIS C 157 32.84 16.47 -17.26
N ILE C 158 32.62 16.12 -16.00
CA ILE C 158 31.35 16.35 -15.31
C ILE C 158 31.22 17.61 -14.42
N SER C 159 32.23 17.85 -13.58
CA SER C 159 32.24 19.02 -12.71
C SER C 159 32.78 20.21 -13.50
N VAL C 160 32.01 20.67 -14.49
CA VAL C 160 32.46 21.76 -15.34
C VAL C 160 32.27 23.19 -14.82
N ALA C 161 31.36 23.39 -13.88
CA ALA C 161 31.11 24.72 -13.33
C ALA C 161 31.06 24.69 -11.82
N MET C 162 32.24 24.60 -11.22
CA MET C 162 32.36 24.53 -9.77
C MET C 162 32.31 25.91 -9.12
N ASP C 163 31.61 26.02 -8.01
CA ASP C 163 31.55 27.30 -7.32
C ASP C 163 32.96 27.80 -6.97
N LYS C 164 33.83 26.90 -6.51
CA LYS C 164 35.20 27.29 -6.12
C LYS C 164 35.94 27.97 -7.26
N PHE C 165 35.47 27.76 -8.50
CA PHE C 165 36.10 28.38 -9.66
C PHE C 165 35.16 29.42 -10.29
N GLY C 166 34.29 29.99 -9.47
CA GLY C 166 33.36 30.98 -10.01
C GLY C 166 32.44 30.45 -11.08
N PHE C 167 32.04 29.20 -10.96
CA PHE C 167 31.12 28.57 -11.89
C PHE C 167 31.52 28.48 -13.36
N SER C 168 32.78 28.12 -13.60
CA SER C 168 33.28 27.95 -14.97
C SER C 168 34.59 27.17 -14.89
N LEU C 169 35.06 26.66 -16.02
CA LEU C 169 36.32 25.94 -16.01
C LEU C 169 37.42 26.90 -15.58
N PRO C 170 38.39 26.42 -14.78
CA PRO C 170 39.45 27.35 -14.39
C PRO C 170 40.29 27.66 -15.64
N TYR C 171 40.31 26.72 -16.56
CA TYR C 171 40.98 26.86 -17.85
C TYR C 171 40.32 25.80 -18.72
N VAL C 172 40.29 26.03 -20.03
CA VAL C 172 39.58 25.14 -20.92
C VAL C 172 40.02 23.67 -20.99
N GLN C 173 41.27 23.39 -20.64
CA GLN C 173 41.75 22.01 -20.67
C GLN C 173 41.69 21.35 -19.29
N TYR C 174 41.05 22.02 -18.33
CA TYR C 174 40.92 21.47 -16.99
C TYR C 174 40.02 20.23 -17.00
N PHE C 175 40.52 19.14 -16.43
CA PHE C 175 39.80 17.87 -16.41
C PHE C 175 39.70 17.29 -15.00
N GLY C 176 39.84 18.13 -13.98
CA GLY C 176 39.77 17.66 -12.62
C GLY C 176 38.38 17.63 -11.98
N GLY C 177 38.30 17.18 -10.74
CA GLY C 177 37.04 17.12 -10.03
C GLY C 177 36.24 15.83 -10.22
N VAL C 178 35.42 15.81 -11.27
CA VAL C 178 34.58 14.64 -11.56
C VAL C 178 34.62 14.40 -13.06
N SER C 179 34.88 13.16 -13.44
CA SER C 179 34.93 12.81 -14.85
C SER C 179 34.47 11.37 -15.01
N ALA C 180 34.15 10.98 -16.24
CA ALA C 180 33.73 9.61 -16.51
C ALA C 180 34.43 9.13 -17.76
N LEU C 181 34.93 7.90 -17.70
CA LEU C 181 35.60 7.28 -18.84
C LEU C 181 35.06 5.89 -19.01
N SER C 182 34.78 5.51 -20.25
CA SER C 182 34.30 4.17 -20.53
C SER C 182 35.52 3.28 -20.26
N LYS C 183 35.27 2.00 -20.09
CA LYS C 183 36.33 1.04 -19.84
C LYS C 183 37.33 1.12 -21.00
N GLN C 184 36.82 1.18 -22.22
CA GLN C 184 37.70 1.25 -23.38
C GLN C 184 38.56 2.53 -23.36
N GLN C 185 37.94 3.65 -23.04
CA GLN C 185 38.67 4.92 -22.99
C GLN C 185 39.81 4.83 -21.98
N PHE C 186 39.50 4.29 -20.80
CA PHE C 186 40.47 4.15 -19.73
C PHE C 186 41.62 3.23 -20.17
N LEU C 187 41.28 2.09 -20.76
CA LEU C 187 42.31 1.15 -21.19
C LEU C 187 43.18 1.74 -22.30
N THR C 188 42.55 2.48 -23.19
CA THR C 188 43.28 3.07 -24.31
C THR C 188 44.42 3.99 -23.88
N ILE C 189 44.28 4.66 -22.73
CA ILE C 189 45.31 5.56 -22.25
C ILE C 189 46.18 4.93 -21.17
N ASN C 190 46.05 3.61 -20.99
CA ASN C 190 46.83 2.89 -19.97
C ASN C 190 46.53 3.42 -18.58
N GLY C 191 45.24 3.70 -18.33
CA GLY C 191 44.84 4.21 -17.04
C GLY C 191 45.47 5.55 -16.70
N PHE C 192 45.53 5.85 -15.42
CA PHE C 192 46.10 7.09 -14.95
C PHE C 192 47.55 6.90 -14.51
N PRO C 193 48.30 7.99 -14.34
CA PRO C 193 49.69 7.88 -13.90
C PRO C 193 49.78 7.48 -12.43
N ASN C 194 50.81 6.71 -12.08
CA ASN C 194 51.01 6.27 -10.71
C ASN C 194 52.01 7.10 -9.91
N ASN C 195 52.78 7.95 -10.57
CA ASN C 195 53.78 8.74 -9.87
C ASN C 195 53.53 10.22 -9.56
N TYR C 196 52.27 10.60 -9.39
CA TYR C 196 51.97 11.97 -9.03
C TYR C 196 51.65 11.95 -7.55
N TRP C 197 52.66 12.19 -6.72
CA TRP C 197 52.49 12.17 -5.27
C TRP C 197 52.25 13.58 -4.77
N GLY C 198 51.23 13.73 -3.93
CA GLY C 198 50.89 15.05 -3.42
C GLY C 198 49.99 15.74 -4.42
N TRP C 199 49.43 16.88 -4.02
CA TRP C 199 48.51 17.65 -4.85
C TRP C 199 49.04 18.17 -6.19
N GLY C 200 48.14 18.21 -7.18
CA GLY C 200 48.47 18.76 -8.48
C GLY C 200 49.02 17.99 -9.66
N GLY C 201 48.60 18.45 -10.84
CA GLY C 201 49.06 17.88 -12.10
C GLY C 201 48.60 16.55 -12.65
N GLU C 202 48.12 15.63 -11.82
CA GLU C 202 47.72 14.35 -12.37
C GLU C 202 46.49 14.46 -13.29
N ASP C 203 45.60 15.41 -12.99
CA ASP C 203 44.42 15.58 -13.83
C ASP C 203 44.81 16.12 -15.20
N ASP C 204 45.82 16.99 -15.23
CA ASP C 204 46.30 17.53 -16.49
C ASP C 204 46.97 16.42 -17.30
N ASP C 205 47.68 15.54 -16.61
CA ASP C 205 48.35 14.42 -17.25
C ASP C 205 47.31 13.55 -17.94
N ILE C 206 46.20 13.29 -17.25
CA ILE C 206 45.13 12.49 -17.82
C ILE C 206 44.57 13.16 -19.06
N PHE C 207 44.34 14.47 -18.99
CA PHE C 207 43.84 15.20 -20.15
C PHE C 207 44.80 14.96 -21.33
N ASN C 208 46.10 15.13 -21.09
CA ASN C 208 47.11 14.92 -22.13
C ASN C 208 47.05 13.50 -22.73
N ARG C 209 46.90 12.51 -21.86
CA ARG C 209 46.82 11.13 -22.31
C ARG C 209 45.66 10.99 -23.28
N LEU C 210 44.51 11.53 -22.89
CA LEU C 210 43.31 11.44 -23.73
C LEU C 210 43.55 12.10 -25.08
N VAL C 211 44.14 13.29 -25.04
CA VAL C 211 44.39 13.99 -26.29
C VAL C 211 45.45 13.26 -27.11
N PHE C 212 46.49 12.75 -26.47
CA PHE C 212 47.51 12.02 -27.20
C PHE C 212 46.93 10.75 -27.82
N ARG C 213 45.76 10.34 -27.34
CA ARG C 213 45.14 9.14 -27.91
C ARG C 213 43.99 9.44 -28.84
N GLY C 214 43.94 10.66 -29.36
CA GLY C 214 42.91 11.04 -30.30
C GLY C 214 41.51 11.33 -29.79
N MET C 215 41.36 11.51 -28.48
CA MET C 215 40.04 11.79 -27.93
C MET C 215 39.91 13.27 -27.59
N SER C 216 38.68 13.71 -27.35
CA SER C 216 38.42 15.09 -26.98
C SER C 216 37.51 15.05 -25.76
N ILE C 217 37.41 16.16 -25.05
CA ILE C 217 36.59 16.20 -23.86
C ILE C 217 35.14 16.59 -24.11
N SER C 218 34.21 15.73 -23.68
CA SER C 218 32.78 15.99 -23.80
C SER C 218 32.34 16.63 -22.48
N ARG C 219 31.46 17.63 -22.55
CA ARG C 219 31.00 18.31 -21.36
C ARG C 219 29.55 18.73 -21.43
N PRO C 220 28.86 18.75 -20.29
CA PRO C 220 27.44 19.18 -20.30
C PRO C 220 27.53 20.71 -20.34
N ASN C 221 26.41 21.43 -20.43
CA ASN C 221 26.55 22.89 -20.44
C ASN C 221 26.83 23.41 -19.03
N ALA C 222 27.31 24.64 -18.95
CA ALA C 222 27.66 25.26 -17.68
C ALA C 222 26.59 25.18 -16.59
N VAL C 223 25.33 25.41 -16.95
CA VAL C 223 24.27 25.39 -15.97
C VAL C 223 24.02 23.97 -15.45
N VAL C 224 23.92 23.02 -16.37
CA VAL C 224 23.68 21.64 -15.98
C VAL C 224 24.86 21.11 -15.18
N GLY C 225 26.06 21.53 -15.56
CA GLY C 225 27.26 21.06 -14.87
C GLY C 225 27.64 21.87 -13.64
N THR C 226 26.71 22.65 -13.12
CA THR C 226 26.99 23.43 -11.92
C THR C 226 27.25 22.46 -10.79
N THR C 227 28.37 22.66 -10.09
CA THR C 227 28.77 21.77 -9.00
C THR C 227 29.25 22.51 -7.76
N ARG C 228 28.89 22.01 -6.58
CA ARG C 228 29.28 22.61 -5.32
C ARG C 228 30.44 21.86 -4.67
N HIS C 229 31.40 22.61 -4.14
CA HIS C 229 32.56 22.05 -3.50
C HIS C 229 32.52 22.35 -2.00
N ILE C 230 32.60 21.29 -1.18
CA ILE C 230 32.57 21.47 0.25
C ILE C 230 33.85 22.17 0.70
N ARG C 231 33.69 23.42 1.11
CA ARG C 231 34.79 24.26 1.58
C ARG C 231 35.61 23.51 2.63
N HIS C 232 36.93 23.46 2.47
CA HIS C 232 37.78 22.76 3.44
C HIS C 232 39.22 23.27 3.46
N SER C 233 39.92 23.02 4.56
CA SER C 233 41.31 23.45 4.66
C SER C 233 42.22 22.37 4.08
N ARG C 234 43.50 22.70 3.90
CA ARG C 234 44.45 21.75 3.35
C ARG C 234 44.59 20.51 4.22
N ASP C 235 44.80 19.36 3.58
CA ASP C 235 45.00 18.10 4.30
C ASP C 235 46.51 18.00 4.45
N LYS C 236 46.97 17.47 5.57
CA LYS C 236 48.40 17.31 5.74
C LYS C 236 48.72 16.10 4.88
N LYS C 237 49.96 15.99 4.44
CA LYS C 237 50.39 14.86 3.62
C LYS C 237 49.93 14.84 2.18
N ASN C 238 49.58 16.01 1.65
CA ASN C 238 49.17 16.09 0.25
C ASN C 238 49.60 17.45 -0.28
N GLU C 239 50.84 17.80 0.01
CA GLU C 239 51.41 19.07 -0.43
C GLU C 239 51.60 19.10 -1.93
N PRO C 240 51.59 20.30 -2.52
CA PRO C 240 51.77 20.46 -3.97
C PRO C 240 53.06 19.81 -4.41
N ASN C 241 52.96 18.98 -5.44
CA ASN C 241 54.10 18.27 -5.98
C ASN C 241 54.93 19.20 -6.88
N PRO C 242 56.14 19.58 -6.43
CA PRO C 242 57.04 20.47 -7.17
C PRO C 242 57.41 20.01 -8.57
N GLN C 243 57.49 18.70 -8.77
CA GLN C 243 57.85 18.18 -10.09
C GLN C 243 56.65 17.91 -11.00
N ARG C 244 55.47 18.36 -10.59
CA ARG C 244 54.27 18.13 -11.39
C ARG C 244 54.33 18.81 -12.74
N PHE C 245 54.94 19.99 -12.80
CA PHE C 245 55.04 20.72 -14.07
C PHE C 245 55.92 19.99 -15.07
N ASP C 246 57.03 19.44 -14.60
CA ASP C 246 57.91 18.71 -15.50
C ASP C 246 57.25 17.40 -15.91
N ARG C 247 56.50 16.81 -15.00
CA ARG C 247 55.82 15.55 -15.28
C ARG C 247 54.78 15.64 -16.40
N ILE C 248 53.93 16.67 -16.37
CA ILE C 248 52.90 16.82 -17.40
C ILE C 248 53.48 17.16 -18.76
N ALA C 249 54.70 17.69 -18.77
CA ALA C 249 55.36 18.04 -20.03
C ALA C 249 55.83 16.79 -20.78
N HIS C 250 55.94 15.67 -20.07
CA HIS C 250 56.40 14.43 -20.70
C HIS C 250 55.37 13.30 -20.71
N THR C 251 54.10 13.64 -20.56
CA THR C 251 53.04 12.64 -20.55
C THR C 251 53.08 11.67 -21.74
N LYS C 252 53.17 12.20 -22.95
CA LYS C 252 53.18 11.37 -24.16
C LYS C 252 54.15 10.20 -24.10
N GLU C 253 55.32 10.43 -23.53
CA GLU C 253 56.33 9.40 -23.42
C GLU C 253 56.09 8.46 -22.25
N THR C 254 55.86 9.03 -21.08
CA THR C 254 55.65 8.24 -19.87
C THR C 254 54.36 7.43 -19.80
N MET C 255 53.30 7.90 -20.44
CA MET C 255 52.01 7.19 -20.39
C MET C 255 52.16 5.77 -20.93
N LEU C 256 53.16 5.57 -21.77
CA LEU C 256 53.41 4.26 -22.36
C LEU C 256 53.83 3.20 -21.34
N SER C 257 54.52 3.62 -20.29
CA SER C 257 55.02 2.65 -19.31
C SER C 257 54.65 2.96 -17.87
N ASP C 258 53.83 3.99 -17.67
CA ASP C 258 53.42 4.34 -16.33
C ASP C 258 51.90 4.40 -16.25
N GLY C 259 51.32 3.46 -15.50
CA GLY C 259 49.88 3.44 -15.38
C GLY C 259 49.35 2.07 -15.02
N LEU C 260 48.30 1.67 -15.71
CA LEU C 260 47.66 0.39 -15.46
C LEU C 260 48.64 -0.78 -15.61
N ASN C 261 49.55 -0.66 -16.57
CA ASN C 261 50.53 -1.72 -16.79
C ASN C 261 51.72 -1.69 -15.82
N SER C 262 51.75 -0.73 -14.90
CA SER C 262 52.85 -0.67 -13.94
C SER C 262 52.28 -0.55 -12.55
N LEU C 263 50.96 -0.67 -12.46
CA LEU C 263 50.27 -0.56 -11.20
C LEU C 263 50.52 -1.70 -10.21
N THR C 264 50.91 -1.33 -8.99
CA THR C 264 51.14 -2.30 -7.94
C THR C 264 50.55 -1.71 -6.66
N TYR C 265 49.95 -2.57 -5.84
CA TYR C 265 49.35 -2.12 -4.59
C TYR C 265 48.88 -3.35 -3.83
N GLN C 266 48.45 -3.15 -2.60
CA GLN C 266 47.94 -4.27 -1.83
C GLN C 266 46.69 -3.89 -1.05
N VAL C 267 45.59 -4.57 -1.35
CA VAL C 267 44.34 -4.32 -0.65
C VAL C 267 44.46 -4.95 0.72
N LEU C 268 44.11 -4.20 1.75
CA LEU C 268 44.19 -4.69 3.12
C LEU C 268 42.82 -5.13 3.65
N ASP C 269 41.77 -4.39 3.27
CA ASP C 269 40.42 -4.76 3.69
C ASP C 269 39.35 -4.09 2.84
N VAL C 270 38.22 -4.75 2.72
CA VAL C 270 37.08 -4.26 1.97
C VAL C 270 35.88 -4.33 2.89
N GLN C 271 35.34 -3.14 3.21
CA GLN C 271 34.17 -3.03 4.06
C GLN C 271 32.96 -2.89 3.14
N ARG C 272 31.94 -3.71 3.35
CA ARG C 272 30.74 -3.59 2.55
C ARG C 272 29.69 -2.86 3.40
N TYR C 273 29.79 -1.54 3.46
CA TYR C 273 28.82 -0.74 4.21
C TYR C 273 27.50 -0.65 3.45
N PRO C 274 26.42 -0.24 4.12
CA PRO C 274 25.13 -0.14 3.45
C PRO C 274 25.15 0.75 2.20
N LEU C 275 25.83 1.89 2.29
CA LEU C 275 25.86 2.84 1.18
C LEU C 275 27.10 2.89 0.31
N TYR C 276 28.10 2.06 0.60
CA TYR C 276 29.31 2.07 -0.20
C TYR C 276 30.28 0.96 0.19
N THR C 277 31.18 0.66 -0.74
CA THR C 277 32.21 -0.33 -0.51
C THR C 277 33.51 0.46 -0.31
N GLN C 278 34.13 0.28 0.84
CA GLN C 278 35.38 0.96 1.10
C GLN C 278 36.55 -0.01 0.98
N ILE C 279 37.44 0.28 0.05
CA ILE C 279 38.62 -0.53 -0.18
C ILE C 279 39.83 0.19 0.40
N THR C 280 40.31 -0.28 1.54
CA THR C 280 41.49 0.29 2.17
C THR C 280 42.66 -0.42 1.51
N VAL C 281 43.57 0.35 0.92
CA VAL C 281 44.67 -0.23 0.17
C VAL C 281 46.02 0.45 0.44
N ASP C 282 47.08 -0.35 0.32
CA ASP C 282 48.45 0.14 0.52
C ASP C 282 48.99 0.38 -0.87
N ILE C 283 49.15 1.65 -1.24
CA ILE C 283 49.66 1.98 -2.56
C ILE C 283 51.14 2.34 -2.54
N GLY C 284 51.77 2.14 -1.39
CA GLY C 284 53.18 2.42 -1.26
C GLY C 284 53.58 3.87 -1.04
N THR C 285 54.84 4.15 -1.35
CA THR C 285 55.38 5.49 -1.19
C THR C 285 56.21 5.84 -2.41
N PRO C 286 56.59 7.10 -2.55
CA PRO C 286 57.38 7.47 -3.72
C PRO C 286 58.80 6.94 -3.65
N SER C 287 59.37 6.65 -4.82
CA SER C 287 60.74 6.15 -4.89
C SER C 287 61.68 7.23 -4.39
#